data_7EZK
#
_entry.id   7EZK
#
_cell.length_a   1.00
_cell.length_b   1.00
_cell.length_c   1.00
_cell.angle_alpha   90.00
_cell.angle_beta   90.00
_cell.angle_gamma   90.00
#
_symmetry.space_group_name_H-M   'P 1'
#
loop_
_entity.id
_entity.type
_entity.pdbx_description
1 polymer 'Chimera of Guanine nucleotide-binding protein G(i) subunit alpha-1 and Guanine nucleotide-binding protein G(s) subunit alpha isoforms short'
2 polymer 'Guanine nucleotide-binding protein G(I)/G(S)/G(T) subunit beta-1'
3 polymer 'Cholecystokinin receptor type A'
4 polymer 'Guanine nucleotide-binding protein G(I)/G(S)/G(O) subunit gamma-2'
5 polymer Cholecystokinin-8
#
loop_
_entity_poly.entity_id
_entity_poly.type
_entity_poly.pdbx_seq_one_letter_code
_entity_poly.pdbx_strand_id
1 'polypeptide(L)'
;MGCTLSAEDKAAVERSKMIEKQLQKDKQVYRATHRLLLLGADNSGKSTIVKQMRIYHVNGYSEEECKQYKAVVYSNTIQS
IIAIIRAMGRLKIDFGDSARADDARQLFVLAGAAEEGFMTAELAGVIKRLWKDSGVQACFNRSREYQLNDSAAYYLNDLD
RIAQPNYIPTQQDVLRTRVKTSGIFETKFQVDKVNFHMFDVGAQRDERRKWIQCFNDVTAIIFVVDSSDYNRLQEALNDF
KSIWNNRWLRTISVILFLNKQDLLAEKVLAGKSKIEDYFPEFARYTTPEDATPEPGEDPRVTRAKYFIRDEFLRISTASG
DGRHYCYPHFTCSVDTENARRIFNDCRDIIQRMHLRQYELL
;
A
2 'polypeptide(L)'
;MHHHHHHGSLLQSELDQLRQEAEQLKNQIRDARKACADATLSQITNNIDPVGRIQMRTRRTLRGHLAKIYAMHWGTDSRL
LVSASQDGKLIIWDSYTTNKVHAIPLRSSWVMTCAYAPSGNYVACGGLDNICSIYNLKTREGNVRVSRELAGHTGYLSCC
RFLDDNQIVTSSGDTTCALWDIETGQQTTTFTGHTGDVMSLSLAPDTRLFVSGACDASAKLWDVREGMCRQTFTGHESDI
NAICFFPNGNAFATGSDDATCRLFDLRADQELMTYSHDNIICGITSVSFSKSGRLLLAGYDDFNCNVWDALKADRAGVLA
GHDNRVSCLGVTDDGMAVATGSWDSFLKIWN
;
B
3 'polypeptide(L)'
;MDVVDSLLVNGSNITPPCELGLENETLFCLDQPRPSKEWQPAVQILLYSLIFLLSVLGNTLVITVLIRNKRMRTVTNIFL
LSLAVSDLMLCLFCMPFNLIPNLLKDFIFGSAVCKTTTYFMGTSVSVSTFNLVAISLERYGAICKPLQSRVWQTKSHALK
VIAATWCLSFTIMTPYPIYSNLVPFTKNNNQTANMCRFLLPNDVMQQSWHTFLLLILFLIPGIVMMVAYGLISLELYQGI
KFEASQKKSAKERKPSTTSSGKYEDSDGCYLQKTRPPRKLELRQLSTGSSSRANRIRSNSSAANLMAKKRVIRMLIVIVV
LFFLCWMPIFSANAWRAYDTASAERRLSGTPISFILLLSYTSSCVNPIIYCFMNKRFRLGFMATFPCCPNPGPPGARGEV
GEEEEGGTTGASLSRFSYSHMSASVPPQ
;
D
4 'polypeptide(L)' MASNNTASIAQARKLVEQLKMEANIDRIKVSKAAADLMAYCEAHAKEDPLLTPVPASENPFREKKFFCAIL G
5 'polypeptide(L)' D(TYS)MGWMDFF P
#
# COMPACT_ATOMS: atom_id res chain seq x y z
N SER A 6 -22.77 21.59 20.38
CA SER A 6 -21.82 22.56 20.87
C SER A 6 -21.33 23.53 19.81
N ALA A 7 -21.16 24.78 20.25
CA ALA A 7 -20.97 25.87 19.30
C ALA A 7 -19.62 25.83 18.60
N GLU A 8 -18.57 25.47 19.33
CA GLU A 8 -17.26 25.36 18.72
C GLU A 8 -17.06 24.03 17.99
N ASP A 9 -17.50 22.93 18.58
CA ASP A 9 -17.29 21.64 17.95
C ASP A 9 -18.09 21.51 16.64
N LYS A 10 -19.20 22.23 16.49
CA LYS A 10 -19.87 22.31 15.20
C LYS A 10 -18.99 22.99 14.15
N ALA A 11 -18.33 24.10 14.51
CA ALA A 11 -17.37 24.72 13.59
C ALA A 11 -16.16 23.83 13.34
N ALA A 12 -15.77 22.99 14.31
CA ALA A 12 -14.74 21.98 14.11
C ALA A 12 -15.15 20.94 13.08
N VAL A 13 -16.36 20.41 13.21
CA VAL A 13 -16.81 19.41 12.25
C VAL A 13 -17.03 20.03 10.87
N GLU A 14 -17.57 21.26 10.82
CA GLU A 14 -17.68 21.98 9.56
C GLU A 14 -16.34 22.15 8.87
N ARG A 15 -15.30 22.50 9.62
CA ARG A 15 -13.95 22.54 9.04
C ARG A 15 -13.44 21.17 8.63
N SER A 16 -13.65 20.15 9.46
CA SER A 16 -13.22 18.80 9.14
C SER A 16 -13.82 18.36 7.79
N LYS A 17 -15.11 18.53 7.61
CA LYS A 17 -15.77 18.19 6.35
C LYS A 17 -15.36 19.07 5.17
N MET A 18 -15.07 20.37 5.39
CA MET A 18 -14.48 21.18 4.32
C MET A 18 -13.10 20.65 3.91
N ILE A 19 -12.35 20.13 4.88
CA ILE A 19 -11.06 19.53 4.58
C ILE A 19 -11.23 18.19 3.88
N GLU A 20 -12.11 17.32 4.35
CA GLU A 20 -12.37 16.07 3.65
C GLU A 20 -12.81 16.28 2.20
N LYS A 21 -13.69 17.24 1.95
CA LYS A 21 -14.10 17.57 0.58
C LYS A 21 -13.11 18.43 -0.20
N GLN A 22 -11.99 18.81 0.40
CA GLN A 22 -10.82 19.26 -0.37
C GLN A 22 -9.87 18.09 -0.66
N LEU A 23 -9.71 17.21 0.32
CA LEU A 23 -8.90 16.01 0.13
C LEU A 23 -9.46 15.09 -0.95
N GLN A 24 -10.77 14.92 -1.03
CA GLN A 24 -11.35 14.16 -2.15
C GLN A 24 -10.98 14.78 -3.51
N LYS A 25 -10.93 16.12 -3.57
CA LYS A 25 -10.54 16.76 -4.82
C LYS A 25 -9.06 16.64 -5.12
N ASP A 26 -8.24 16.47 -4.08
CA ASP A 26 -6.86 16.14 -4.37
C ASP A 26 -6.63 14.64 -4.56
N LYS A 27 -7.52 13.81 -4.03
CA LYS A 27 -7.52 12.38 -4.26
C LYS A 27 -7.73 12.06 -5.72
N GLN A 28 -8.71 12.72 -6.33
CA GLN A 28 -8.96 12.52 -7.77
C GLN A 28 -7.73 12.86 -8.62
N VAL A 29 -7.06 13.98 -8.33
CA VAL A 29 -5.82 14.37 -9.02
C VAL A 29 -4.70 13.40 -8.75
N TYR A 30 -4.54 12.97 -7.50
CA TYR A 30 -3.49 12.02 -7.12
C TYR A 30 -3.65 10.69 -7.84
N ARG A 31 -4.89 10.21 -7.99
CA ARG A 31 -5.10 8.95 -8.71
C ARG A 31 -5.02 9.12 -10.22
N ALA A 32 -5.42 10.27 -10.75
CA ALA A 32 -5.20 10.46 -12.19
C ALA A 32 -3.73 10.64 -12.54
N THR A 33 -2.97 11.34 -11.71
CA THR A 33 -1.57 11.58 -12.02
C THR A 33 -0.75 10.31 -11.78
N HIS A 34 -0.37 9.59 -12.84
CA HIS A 34 0.65 8.55 -12.73
C HIS A 34 2.03 9.16 -12.53
N ARG A 35 2.83 8.52 -11.69
CA ARG A 35 4.11 9.06 -11.27
C ARG A 35 5.23 8.12 -11.69
N LEU A 36 6.38 8.71 -12.03
CA LEU A 36 7.48 8.01 -12.66
C LEU A 36 8.78 8.48 -12.01
N LEU A 37 9.79 7.59 -11.96
CA LEU A 37 11.11 7.91 -11.44
C LEU A 37 12.13 7.88 -12.56
N LEU A 38 12.62 9.06 -12.93
CA LEU A 38 13.55 9.23 -14.05
C LEU A 38 14.99 9.09 -13.55
N LEU A 39 15.49 7.85 -13.61
CA LEU A 39 16.87 7.55 -13.25
C LEU A 39 17.79 7.50 -14.46
N GLY A 40 19.07 7.69 -14.22
CA GLY A 40 20.07 7.68 -15.26
C GLY A 40 21.29 8.51 -14.88
N ALA A 41 22.45 8.05 -15.34
CA ALA A 41 23.68 8.76 -15.10
C ALA A 41 23.71 10.12 -15.78
N ASP A 42 24.70 10.93 -15.39
CA ASP A 42 24.85 12.28 -15.93
C ASP A 42 24.94 12.33 -17.46
N ASN A 43 25.54 11.31 -18.06
CA ASN A 43 25.58 11.23 -19.51
C ASN A 43 24.24 10.88 -20.14
N SER A 44 23.34 10.23 -19.40
CA SER A 44 22.02 9.93 -19.95
C SER A 44 21.29 11.23 -20.29
N GLY A 45 20.60 11.25 -21.45
CA GLY A 45 19.84 12.42 -21.80
C GLY A 45 18.49 12.59 -21.11
N LYS A 46 18.45 12.33 -19.81
CA LYS A 46 17.18 12.08 -19.11
C LYS A 46 16.19 13.24 -19.31
N SER A 47 16.68 14.48 -19.16
CA SER A 47 15.85 15.66 -19.38
C SER A 47 15.32 15.77 -20.79
N THR A 48 15.96 15.15 -21.77
CA THR A 48 15.55 15.26 -23.16
C THR A 48 14.54 14.19 -23.58
N ILE A 49 14.10 13.29 -22.67
CA ILE A 49 13.23 12.18 -23.04
C ILE A 49 11.84 12.69 -23.44
N VAL A 50 11.11 13.25 -22.49
CA VAL A 50 9.87 13.96 -22.81
C VAL A 50 10.23 15.37 -23.23
N LYS A 51 9.81 15.76 -24.44
CA LYS A 51 10.26 17.03 -25.00
C LYS A 51 9.74 18.22 -24.22
N GLN A 52 8.54 18.13 -23.67
CA GLN A 52 8.02 19.21 -22.82
C GLN A 52 8.74 19.21 -21.47
N SER A 182 17.91 22.82 -7.33
CA SER A 182 18.77 22.52 -6.19
C SER A 182 18.29 21.22 -5.50
N GLY A 183 17.38 20.53 -6.16
CA GLY A 183 16.84 19.30 -5.62
C GLY A 183 16.13 18.46 -6.66
N ILE A 184 15.11 17.72 -6.21
CA ILE A 184 14.28 16.97 -7.14
C ILE A 184 13.65 17.87 -8.21
N PHE A 185 13.72 17.45 -9.48
CA PHE A 185 13.08 18.16 -10.57
C PHE A 185 11.86 17.36 -11.04
N GLU A 186 10.74 18.02 -11.11
CA GLU A 186 9.48 17.40 -11.46
C GLU A 186 9.05 17.97 -12.82
N THR A 187 8.89 17.10 -13.82
CA THR A 187 8.29 17.53 -15.07
C THR A 187 6.95 16.81 -15.25
N LYS A 188 6.03 17.50 -15.92
CA LYS A 188 4.69 16.98 -16.10
C LYS A 188 4.32 16.97 -17.57
N PHE A 189 3.66 15.90 -17.98
CA PHE A 189 3.17 15.81 -19.35
C PHE A 189 1.88 14.99 -19.37
N GLN A 190 1.17 15.07 -20.49
CA GLN A 190 -0.05 14.29 -20.71
C GLN A 190 0.08 13.44 -21.96
N VAL A 191 -0.54 12.27 -21.92
CA VAL A 191 -0.89 11.50 -23.12
C VAL A 191 -2.32 10.98 -22.96
N ASP A 192 -3.16 11.22 -23.95
CA ASP A 192 -4.58 10.81 -23.97
C ASP A 192 -5.29 11.13 -22.67
N LYS A 193 -5.11 12.37 -22.22
CA LYS A 193 -5.68 12.88 -20.96
C LYS A 193 -5.14 12.23 -19.69
N VAL A 194 -4.31 11.20 -19.80
CA VAL A 194 -3.62 10.65 -18.64
C VAL A 194 -2.46 11.56 -18.25
N ASN A 195 -2.44 12.00 -17.01
CA ASN A 195 -1.32 12.82 -16.53
C ASN A 195 -0.17 11.95 -16.04
N PHE A 196 1.05 12.31 -16.44
CA PHE A 196 2.27 11.69 -15.93
C PHE A 196 3.12 12.77 -15.25
N HIS A 197 3.44 12.55 -13.99
CA HIS A 197 4.54 13.24 -13.34
C HIS A 197 5.80 12.39 -13.40
N MET A 198 6.93 13.04 -13.74
CA MET A 198 8.20 12.34 -13.84
C MET A 198 9.22 13.08 -12.98
N PHE A 199 9.89 12.35 -12.09
CA PHE A 199 10.74 12.93 -11.06
C PHE A 199 12.20 12.58 -11.33
N ASP A 200 13.01 13.61 -11.54
CA ASP A 200 14.45 13.46 -11.64
C ASP A 200 15.06 13.84 -10.30
N VAL A 201 15.70 12.85 -9.65
CA VAL A 201 16.19 13.04 -8.29
C VAL A 201 17.61 13.60 -8.34
N GLY A 202 17.75 14.78 -8.90
CA GLY A 202 19.00 15.50 -8.90
C GLY A 202 19.42 15.96 -7.51
N ALA A 203 20.70 16.35 -7.44
CA ALA A 203 21.32 16.87 -6.22
C ALA A 203 21.18 15.92 -5.01
N GLN A 204 21.55 14.65 -5.23
CA GLN A 204 21.61 13.69 -4.13
C GLN A 204 22.99 13.08 -4.10
N ARG A 205 23.43 12.77 -2.89
CA ARG A 205 24.81 12.29 -2.65
C ARG A 205 24.99 10.85 -3.11
N ASP A 206 24.74 10.58 -4.40
CA ASP A 206 25.33 9.42 -5.09
C ASP A 206 25.01 8.09 -4.43
N GLU A 207 23.85 7.97 -3.77
CA GLU A 207 23.50 6.74 -3.05
C GLU A 207 21.97 6.61 -3.01
N ARG A 208 21.45 5.88 -3.99
CA ARG A 208 20.01 5.87 -4.24
C ARG A 208 19.26 5.25 -3.05
N ARG A 209 19.87 4.30 -2.36
CA ARG A 209 19.15 3.29 -1.56
C ARG A 209 18.19 3.90 -0.53
N LYS A 210 18.59 5.00 0.13
CA LYS A 210 17.78 5.60 1.19
C LYS A 210 16.78 6.63 0.71
N TRP A 211 16.74 6.97 -0.57
CA TRP A 211 15.63 7.75 -1.10
C TRP A 211 14.79 7.03 -2.14
N ILE A 212 15.31 5.94 -2.74
CA ILE A 212 14.46 5.17 -3.64
C ILE A 212 13.30 4.52 -2.93
N GLN A 213 13.41 4.28 -1.63
CA GLN A 213 12.28 3.85 -0.83
C GLN A 213 11.09 4.81 -0.86
N CYS A 214 11.31 6.07 -1.23
CA CYS A 214 10.18 6.97 -1.46
C CYS A 214 9.36 6.54 -2.67
N PHE A 215 10.01 6.07 -3.72
CA PHE A 215 9.38 5.76 -4.98
C PHE A 215 8.91 4.32 -5.10
N ASN A 216 8.93 3.58 -4.01
CA ASN A 216 8.13 2.37 -3.88
C ASN A 216 6.71 2.60 -4.35
N ASP A 217 6.28 1.78 -5.31
CA ASP A 217 4.97 1.81 -5.91
C ASP A 217 4.65 3.10 -6.63
N VAL A 218 5.64 3.64 -7.34
CA VAL A 218 5.37 4.45 -8.51
C VAL A 218 5.01 3.52 -9.67
N THR A 219 4.45 4.09 -10.75
CA THR A 219 3.98 3.23 -11.84
C THR A 219 5.16 2.57 -12.56
N ALA A 220 6.20 3.34 -12.89
CA ALA A 220 7.41 2.73 -13.47
C ALA A 220 8.62 3.55 -13.13
N ILE A 221 9.75 2.89 -13.01
CA ILE A 221 11.04 3.58 -13.12
C ILE A 221 11.36 3.79 -14.60
N ILE A 222 11.95 4.95 -14.91
CA ILE A 222 12.51 5.18 -16.25
C ILE A 222 14.02 5.30 -16.14
N PHE A 223 14.72 4.24 -16.50
CA PHE A 223 16.18 4.24 -16.43
C PHE A 223 16.72 4.49 -17.83
N VAL A 224 17.43 5.61 -18.00
CA VAL A 224 17.98 6.03 -19.27
C VAL A 224 19.46 5.71 -19.25
N VAL A 225 19.94 5.04 -20.29
CA VAL A 225 21.35 4.67 -20.42
C VAL A 225 21.92 5.31 -21.68
N ASP A 226 23.08 5.93 -21.57
CA ASP A 226 23.86 6.33 -22.73
C ASP A 226 24.58 5.12 -23.31
N SER A 227 23.95 4.55 -24.34
CA SER A 227 24.50 3.37 -24.99
C SER A 227 25.86 3.60 -25.65
N SER A 228 26.19 4.86 -25.95
CA SER A 228 27.42 5.13 -26.68
C SER A 228 28.68 5.17 -25.80
N ASP A 229 28.53 5.51 -24.52
CA ASP A 229 29.65 5.61 -23.57
C ASP A 229 29.97 4.21 -23.04
N TYR A 230 30.71 3.46 -23.85
CA TYR A 230 30.93 2.05 -23.55
C TYR A 230 31.66 1.86 -22.22
N ASN A 231 32.48 2.82 -21.83
CA ASN A 231 33.16 2.73 -20.54
C ASN A 231 32.22 3.02 -19.39
N ARG A 232 31.36 4.05 -19.54
CA ARG A 232 30.27 4.32 -18.61
C ARG A 232 29.19 3.26 -18.64
N LEU A 233 29.13 2.49 -19.73
CA LEU A 233 28.02 1.57 -19.92
C LEU A 233 28.02 0.47 -18.85
N GLN A 234 29.21 0.05 -18.38
CA GLN A 234 29.27 -0.92 -17.28
C GLN A 234 28.80 -0.33 -15.97
N GLU A 235 29.11 0.94 -15.70
CA GLU A 235 28.57 1.56 -14.50
C GLU A 235 27.06 1.73 -14.58
N ALA A 236 26.55 2.06 -15.76
CA ALA A 236 25.10 2.10 -15.96
C ALA A 236 24.47 0.71 -15.86
N LEU A 237 25.18 -0.32 -16.29
CA LEU A 237 24.64 -1.68 -16.21
C LEU A 237 24.61 -2.17 -14.76
N ASN A 238 25.61 -1.80 -13.95
CA ASN A 238 25.57 -2.10 -12.53
C ASN A 238 24.53 -1.25 -11.80
N ASP A 239 24.38 0.01 -12.22
CA ASP A 239 23.26 0.81 -11.72
C ASP A 239 21.91 0.14 -11.99
N PHE A 240 21.70 -0.33 -13.23
CA PHE A 240 20.47 -1.07 -13.55
C PHE A 240 20.31 -2.31 -12.68
N LYS A 241 21.40 -3.07 -12.52
CA LYS A 241 21.38 -4.24 -11.63
C LYS A 241 20.94 -3.89 -10.21
N SER A 242 21.44 -2.78 -9.67
CA SER A 242 21.05 -2.30 -8.35
C SER A 242 19.60 -1.87 -8.31
N ILE A 243 19.15 -1.18 -9.36
CA ILE A 243 17.77 -0.69 -9.44
C ILE A 243 16.80 -1.86 -9.58
N TRP A 244 17.23 -2.93 -10.23
CA TRP A 244 16.40 -4.11 -10.47
C TRP A 244 16.30 -4.95 -9.21
N ASN A 245 17.44 -5.27 -8.60
CA ASN A 245 17.45 -6.18 -7.47
C ASN A 245 17.02 -5.51 -6.15
N ASN A 246 17.04 -4.18 -6.07
CA ASN A 246 16.74 -3.48 -4.83
C ASN A 246 15.37 -3.89 -4.32
N ARG A 247 15.32 -4.28 -3.05
CA ARG A 247 14.14 -4.93 -2.47
C ARG A 247 12.93 -4.01 -2.36
N TRP A 248 13.08 -2.72 -2.59
CA TRP A 248 11.96 -1.80 -2.66
C TRP A 248 11.34 -1.66 -4.04
N LEU A 249 12.00 -2.13 -5.09
CA LEU A 249 11.51 -1.91 -6.44
C LEU A 249 11.15 -3.19 -7.17
N ARG A 250 11.31 -4.34 -6.52
CA ARG A 250 10.95 -5.62 -7.09
C ARG A 250 9.48 -5.72 -7.43
N THR A 251 8.65 -4.83 -6.88
CA THR A 251 7.25 -4.80 -7.23
C THR A 251 6.91 -4.02 -8.49
N ILE A 252 7.83 -3.19 -9.00
CA ILE A 252 7.51 -2.17 -10.00
C ILE A 252 8.57 -2.15 -11.09
N SER A 253 8.16 -1.81 -12.30
CA SER A 253 8.84 -2.13 -13.54
C SER A 253 9.71 -0.98 -14.01
N VAL A 254 10.74 -1.33 -14.78
CA VAL A 254 11.70 -0.33 -15.26
C VAL A 254 11.51 -0.15 -16.77
N ILE A 255 11.02 1.00 -17.17
CA ILE A 255 11.14 1.45 -18.55
C ILE A 255 12.58 1.87 -18.80
N LEU A 256 13.20 1.32 -19.85
CA LEU A 256 14.64 1.43 -20.11
C LEU A 256 14.86 2.06 -21.49
N PHE A 257 15.03 3.38 -21.51
CA PHE A 257 15.37 4.10 -22.74
C PHE A 257 16.87 4.04 -22.94
N LEU A 258 17.32 3.17 -23.86
CA LEU A 258 18.70 3.18 -24.33
C LEU A 258 18.88 4.36 -25.27
N ASN A 259 19.21 5.52 -24.69
CA ASN A 259 19.27 6.78 -25.41
C ASN A 259 20.57 6.95 -26.19
N LYS A 260 20.63 8.07 -26.92
CA LYS A 260 21.80 8.44 -27.72
C LYS A 260 22.12 7.39 -28.79
N GLN A 261 21.05 6.82 -29.38
CA GLN A 261 21.20 5.80 -30.40
C GLN A 261 21.85 6.34 -31.68
N ASP A 262 21.68 7.64 -31.99
CA ASP A 262 22.46 8.29 -33.04
C ASP A 262 23.95 8.24 -32.74
N LEU A 263 24.34 8.63 -31.52
CA LEU A 263 25.74 8.52 -31.12
C LEU A 263 26.20 7.07 -31.12
N LEU A 264 25.33 6.14 -30.71
CA LEU A 264 25.70 4.72 -30.75
C LEU A 264 26.00 4.30 -32.18
N ALA A 265 25.14 4.67 -33.11
CA ALA A 265 25.34 4.38 -34.51
C ALA A 265 26.64 4.98 -35.04
N GLU A 266 26.85 6.26 -34.78
CA GLU A 266 28.04 6.92 -35.27
C GLU A 266 29.31 6.30 -34.67
N LYS A 267 29.29 6.01 -33.37
CA LYS A 267 30.46 5.46 -32.69
C LYS A 267 30.76 4.02 -33.11
N VAL A 268 29.75 3.24 -33.45
CA VAL A 268 30.01 1.95 -34.08
C VAL A 268 30.59 2.16 -35.48
N LEU A 269 29.86 2.90 -36.31
CA LEU A 269 30.24 3.08 -37.70
C LEU A 269 31.56 3.84 -37.89
N ALA A 270 32.00 4.60 -36.88
CA ALA A 270 33.33 5.20 -36.95
C ALA A 270 34.43 4.15 -36.81
N GLY A 271 34.11 2.98 -36.28
CA GLY A 271 35.10 1.96 -36.03
C GLY A 271 36.19 2.35 -35.06
N LYS A 272 36.13 3.54 -34.49
CA LYS A 272 37.29 4.08 -33.80
C LYS A 272 37.44 3.48 -32.40
N SER A 273 36.34 3.08 -31.78
CA SER A 273 36.37 2.42 -30.48
C SER A 273 35.66 1.10 -30.63
N LYS A 274 36.38 0.00 -30.38
CA LYS A 274 35.87 -1.36 -30.58
C LYS A 274 35.09 -1.77 -29.34
N ILE A 275 33.76 -1.81 -29.44
CA ILE A 275 32.94 -2.31 -28.34
C ILE A 275 33.36 -3.71 -27.91
N GLU A 276 33.98 -4.47 -28.82
CA GLU A 276 34.54 -5.78 -28.47
C GLU A 276 35.54 -5.70 -27.32
N ASP A 277 36.29 -4.61 -27.22
CA ASP A 277 37.30 -4.45 -26.18
C ASP A 277 36.67 -4.39 -24.79
N TYR A 278 35.57 -3.65 -24.67
CA TYR A 278 34.87 -3.51 -23.41
C TYR A 278 33.99 -4.69 -23.07
N PHE A 279 33.48 -5.39 -24.09
CA PHE A 279 32.61 -6.56 -23.88
C PHE A 279 32.98 -7.62 -24.89
N PRO A 280 33.97 -8.45 -24.58
CA PRO A 280 34.44 -9.41 -25.57
C PRO A 280 33.40 -10.45 -25.95
N GLU A 281 32.34 -10.62 -25.17
CA GLU A 281 31.24 -11.48 -25.61
C GLU A 281 30.55 -10.96 -26.87
N PHE A 282 30.74 -9.66 -27.20
CA PHE A 282 30.15 -9.13 -28.42
C PHE A 282 30.66 -9.84 -29.66
N ALA A 283 31.92 -10.27 -29.63
CA ALA A 283 32.52 -11.00 -30.71
C ALA A 283 31.92 -12.37 -30.93
N ARG A 284 30.92 -12.76 -30.14
CA ARG A 284 30.19 -14.01 -30.29
C ARG A 284 28.70 -13.79 -30.08
N TYR A 285 28.21 -12.59 -30.46
CA TYR A 285 26.79 -12.27 -30.37
C TYR A 285 26.31 -11.93 -31.78
N THR A 286 25.16 -12.49 -32.14
CA THR A 286 24.52 -12.27 -33.42
C THR A 286 23.09 -11.83 -33.19
N THR A 287 22.64 -10.93 -34.04
CA THR A 287 21.35 -10.25 -33.89
C THR A 287 20.23 -11.26 -33.71
N PRO A 288 19.36 -11.07 -32.72
CA PRO A 288 18.30 -12.07 -32.47
C PRO A 288 17.32 -12.15 -33.60
N GLU A 289 16.68 -13.32 -33.75
CA GLU A 289 15.67 -13.51 -34.76
C GLU A 289 14.46 -12.60 -34.54
N ASP A 290 14.18 -12.23 -33.30
CA ASP A 290 13.10 -11.30 -33.03
C ASP A 290 13.43 -9.84 -33.34
N ALA A 291 14.59 -9.57 -33.93
CA ALA A 291 14.97 -8.20 -34.25
C ALA A 291 14.09 -7.61 -35.35
N THR A 292 13.85 -6.30 -35.25
CA THR A 292 13.06 -5.57 -36.26
C THR A 292 13.72 -4.22 -36.52
N PRO A 293 14.95 -4.21 -37.02
CA PRO A 293 15.64 -2.93 -37.27
C PRO A 293 14.89 -2.04 -38.24
N GLU A 294 15.11 -0.73 -38.07
CA GLU A 294 14.67 0.24 -39.05
C GLU A 294 15.44 -0.01 -40.34
N PRO A 295 14.77 -0.04 -41.49
CA PRO A 295 15.45 -0.34 -42.76
C PRO A 295 16.59 0.63 -43.06
N GLY A 296 17.81 0.09 -43.12
CA GLY A 296 19.01 0.83 -43.47
C GLY A 296 20.03 1.01 -42.36
N GLU A 297 19.76 0.49 -41.18
CA GLU A 297 20.80 0.38 -40.16
C GLU A 297 21.78 -0.73 -40.49
N ASP A 298 23.05 -0.46 -40.32
CA ASP A 298 24.03 -1.48 -40.64
C ASP A 298 23.88 -2.66 -39.67
N PRO A 299 24.13 -3.88 -40.13
CA PRO A 299 24.00 -5.06 -39.23
C PRO A 299 24.82 -4.98 -37.96
N ARG A 300 26.02 -4.43 -38.01
CA ARG A 300 26.80 -4.31 -36.78
C ARG A 300 26.30 -3.22 -35.84
N VAL A 301 25.61 -2.18 -36.35
CA VAL A 301 24.83 -1.28 -35.48
C VAL A 301 23.69 -1.99 -34.79
N THR A 302 22.94 -2.83 -35.51
CA THR A 302 21.87 -3.64 -34.88
C THR A 302 22.45 -4.64 -33.87
N ARG A 303 23.60 -5.22 -34.18
CA ARG A 303 24.28 -6.10 -33.24
C ARG A 303 24.61 -5.36 -31.96
N ALA A 304 25.16 -4.15 -32.05
CA ALA A 304 25.48 -3.37 -30.84
C ALA A 304 24.24 -3.01 -30.05
N LYS A 305 23.24 -2.48 -30.75
CA LYS A 305 21.93 -2.21 -30.15
C LYS A 305 21.46 -3.40 -29.34
N TYR A 306 21.26 -4.53 -30.03
CA TYR A 306 20.59 -5.64 -29.39
C TYR A 306 21.50 -6.37 -28.41
N PHE A 307 22.82 -6.20 -28.51
CA PHE A 307 23.74 -6.74 -27.51
C PHE A 307 23.57 -5.99 -26.19
N ILE A 308 23.58 -4.66 -26.26
CA ILE A 308 23.31 -3.88 -25.08
C ILE A 308 21.94 -4.20 -24.49
N ARG A 309 20.92 -4.27 -25.34
CA ARG A 309 19.60 -4.67 -24.88
C ARG A 309 19.64 -6.05 -24.21
N ASP A 310 20.35 -7.01 -24.83
CA ASP A 310 20.44 -8.34 -24.24
C ASP A 310 21.21 -8.36 -22.93
N GLU A 311 22.11 -7.42 -22.71
CA GLU A 311 22.76 -7.29 -21.41
C GLU A 311 21.78 -6.84 -20.34
N PHE A 312 21.03 -5.77 -20.64
CA PHE A 312 20.00 -5.34 -19.68
C PHE A 312 18.92 -6.42 -19.50
N LEU A 313 18.53 -7.10 -20.57
CA LEU A 313 17.62 -8.23 -20.42
C LEU A 313 18.27 -9.40 -19.71
N ARG A 314 19.60 -9.54 -19.75
CA ARG A 314 20.27 -10.58 -18.95
C ARG A 314 20.03 -10.32 -17.47
N ILE A 315 20.31 -9.08 -17.06
CA ILE A 315 19.98 -8.69 -15.68
C ILE A 315 18.49 -8.88 -15.39
N SER A 316 17.63 -8.37 -16.27
CA SER A 316 16.18 -8.46 -16.04
C SER A 316 15.65 -9.88 -15.96
N THR A 317 16.32 -10.81 -16.64
CA THR A 317 15.92 -12.21 -16.64
C THR A 317 16.57 -13.01 -15.53
N ALA A 318 17.72 -12.58 -15.02
CA ALA A 318 18.38 -13.37 -13.99
C ALA A 318 17.57 -13.39 -12.69
N SER A 319 16.87 -12.29 -12.39
CA SER A 319 16.15 -12.19 -11.14
C SER A 319 14.88 -11.40 -11.38
N GLY A 320 13.92 -11.64 -10.49
CA GLY A 320 12.71 -10.85 -10.41
C GLY A 320 11.72 -11.04 -11.55
N ASP A 321 12.00 -11.96 -12.49
CA ASP A 321 11.35 -11.94 -13.78
C ASP A 321 9.86 -12.28 -13.70
N GLY A 322 9.38 -12.84 -12.59
CA GLY A 322 7.95 -12.96 -12.36
C GLY A 322 7.28 -11.73 -11.77
N ARG A 323 7.97 -11.10 -10.82
CA ARG A 323 7.32 -10.04 -10.05
C ARG A 323 7.25 -8.74 -10.83
N HIS A 324 8.28 -8.43 -11.62
CA HIS A 324 8.29 -7.18 -12.39
C HIS A 324 9.09 -7.32 -13.67
N TYR A 325 8.87 -6.40 -14.62
CA TYR A 325 9.33 -6.56 -16.00
C TYR A 325 10.16 -5.36 -16.44
N CYS A 326 11.07 -5.59 -17.36
CA CYS A 326 11.84 -4.55 -18.03
C CYS A 326 11.35 -4.35 -19.46
N TYR A 327 11.12 -3.09 -19.85
CA TYR A 327 10.62 -2.74 -21.17
C TYR A 327 11.70 -1.94 -21.89
N PRO A 328 12.60 -2.64 -22.59
CA PRO A 328 13.68 -1.96 -23.31
C PRO A 328 13.17 -1.26 -24.56
N HIS A 329 13.65 -0.05 -24.76
CA HIS A 329 13.33 0.78 -25.92
C HIS A 329 14.56 1.57 -26.35
N PHE A 330 14.55 1.98 -27.61
CA PHE A 330 15.68 2.69 -28.20
C PHE A 330 15.24 4.11 -28.55
N THR A 331 16.01 5.10 -28.08
CA THR A 331 15.58 6.49 -28.16
C THR A 331 16.73 7.35 -28.64
N CYS A 332 16.41 8.39 -29.39
CA CYS A 332 17.25 9.58 -29.57
C CYS A 332 16.59 10.81 -28.94
N SER A 333 17.41 11.80 -28.61
CA SER A 333 16.88 13.05 -28.06
C SER A 333 15.99 13.80 -29.03
N VAL A 334 16.04 13.46 -30.33
CA VAL A 334 15.07 13.96 -31.29
C VAL A 334 13.75 13.20 -31.29
N ASP A 335 13.65 12.08 -30.56
CA ASP A 335 12.44 11.25 -30.64
C ASP A 335 11.29 11.93 -29.90
N THR A 336 10.31 12.44 -30.65
CA THR A 336 9.11 13.08 -30.15
C THR A 336 8.05 12.07 -29.69
N GLU A 337 8.31 10.78 -29.81
CA GLU A 337 7.34 9.74 -29.49
C GLU A 337 7.51 9.15 -28.08
N ASN A 338 8.53 9.56 -27.33
CA ASN A 338 8.82 8.94 -26.04
C ASN A 338 7.69 9.09 -25.04
N ALA A 339 6.92 10.18 -25.13
CA ALA A 339 5.73 10.31 -24.29
C ALA A 339 4.76 9.18 -24.56
N ARG A 340 4.49 8.90 -25.83
CA ARG A 340 3.66 7.77 -26.22
C ARG A 340 4.23 6.45 -25.73
N ARG A 341 5.55 6.26 -25.84
CA ARG A 341 6.19 5.05 -25.34
C ARG A 341 5.98 4.86 -23.85
N ILE A 342 6.14 5.92 -23.07
CA ILE A 342 5.90 5.84 -21.62
C ILE A 342 4.44 5.52 -21.34
N PHE A 343 3.53 6.19 -22.04
CA PHE A 343 2.10 5.90 -21.88
C PHE A 343 1.78 4.45 -22.18
N ASN A 344 2.29 3.94 -23.30
CA ASN A 344 2.05 2.55 -23.68
C ASN A 344 2.65 1.57 -22.67
N ASP A 345 3.83 1.87 -22.16
CA ASP A 345 4.42 0.94 -21.18
C ASP A 345 3.77 1.03 -19.81
N CYS A 346 3.36 2.20 -19.37
CA CYS A 346 2.56 2.31 -18.15
C CYS A 346 1.23 1.58 -18.31
N ARG A 347 0.58 1.71 -19.45
CA ARG A 347 -0.64 0.96 -19.70
C ARG A 347 -0.41 -0.55 -19.59
N ASP A 348 0.65 -1.03 -20.26
CA ASP A 348 1.00 -2.46 -20.18
C ASP A 348 1.31 -2.91 -18.74
N ILE A 349 2.08 -2.10 -18.01
CA ILE A 349 2.41 -2.43 -16.62
C ILE A 349 1.16 -2.55 -15.78
N ILE A 350 0.31 -1.54 -15.80
CA ILE A 350 -0.91 -1.58 -14.99
C ILE A 350 -1.82 -2.73 -15.42
N GLN A 351 -1.89 -3.01 -16.73
CA GLN A 351 -2.64 -4.16 -17.23
C GLN A 351 -2.12 -5.47 -16.68
N ARG A 352 -0.80 -5.67 -16.69
CA ARG A 352 -0.26 -6.88 -16.10
C ARG A 352 -0.51 -6.96 -14.60
N MET A 353 -0.37 -5.83 -13.90
CA MET A 353 -0.65 -5.74 -12.48
C MET A 353 -2.09 -6.09 -12.13
N HIS A 354 -3.03 -5.88 -13.07
CA HIS A 354 -4.39 -6.34 -12.87
C HIS A 354 -4.60 -7.81 -13.25
N LEU A 355 -4.03 -8.25 -14.36
CA LEU A 355 -4.07 -9.68 -14.69
C LEU A 355 -3.40 -10.55 -13.62
N ARG A 356 -2.38 -10.05 -12.93
CA ARG A 356 -1.87 -10.74 -11.74
C ARG A 356 -2.96 -11.09 -10.75
N GLN A 357 -4.09 -10.39 -10.77
CA GLN A 357 -5.20 -10.78 -9.89
C GLN A 357 -6.09 -11.86 -10.51
N TYR A 358 -6.27 -11.86 -11.83
CA TYR A 358 -7.23 -12.73 -12.49
C TYR A 358 -6.61 -13.94 -13.15
N GLU A 359 -5.28 -14.03 -13.20
CA GLU A 359 -4.63 -15.22 -13.73
C GLU A 359 -4.94 -16.44 -12.88
N LEU A 360 -5.17 -17.59 -13.53
CA LEU A 360 -5.60 -18.79 -12.86
C LEU A 360 -4.44 -19.54 -12.23
N LEU A 361 -4.79 -20.46 -11.33
CA LEU A 361 -3.87 -21.41 -10.72
C LEU A 361 -2.75 -20.67 -10.01
N SER B 13 50.42 16.07 7.31
CA SER B 13 51.68 15.33 7.41
C SER B 13 51.62 14.11 6.54
N GLU B 14 51.17 12.99 7.11
CA GLU B 14 50.90 11.80 6.30
C GLU B 14 49.88 10.93 7.00
N LEU B 15 49.13 10.18 6.20
CA LEU B 15 48.14 9.26 6.75
C LEU B 15 48.80 8.13 7.53
N ASP B 16 50.06 7.82 7.23
CA ASP B 16 50.90 6.90 8.00
C ASP B 16 51.34 7.48 9.31
N GLN B 17 50.90 8.69 9.62
CA GLN B 17 50.84 9.21 10.98
C GLN B 17 49.41 9.38 11.45
N LEU B 18 48.64 10.16 10.69
CA LEU B 18 47.34 10.66 11.14
C LEU B 18 46.39 9.51 11.43
N ARG B 19 46.18 8.65 10.44
CA ARG B 19 45.24 7.55 10.66
C ARG B 19 45.79 6.48 11.60
N GLN B 20 47.09 6.44 11.90
CA GLN B 20 47.61 5.59 12.99
C GLN B 20 47.29 6.16 14.37
N GLU B 21 47.38 7.47 14.52
CA GLU B 21 46.85 8.13 15.71
C GLU B 21 45.36 7.87 15.87
N ALA B 22 44.60 8.00 14.78
CA ALA B 22 43.20 7.67 14.81
C ALA B 22 42.96 6.21 15.21
N GLU B 23 43.72 5.28 14.63
CA GLU B 23 43.61 3.88 15.00
C GLU B 23 43.87 3.63 16.49
N GLN B 24 44.96 4.19 17.05
CA GLN B 24 45.25 3.96 18.47
C GLN B 24 44.31 4.70 19.41
N LEU B 25 43.78 5.86 19.03
CA LEU B 25 42.71 6.49 19.78
C LEU B 25 41.42 5.64 19.78
N LYS B 26 41.06 5.09 18.63
CA LYS B 26 39.90 4.21 18.55
C LYS B 26 40.08 2.96 19.41
N ASN B 27 41.29 2.37 19.42
CA ASN B 27 41.60 1.30 20.38
C ASN B 27 41.51 1.76 21.85
N GLN B 28 41.95 2.97 22.15
CA GLN B 28 41.88 3.51 23.51
C GLN B 28 40.44 3.75 23.95
N ILE B 29 39.58 4.25 23.05
CA ILE B 29 38.16 4.41 23.37
C ILE B 29 37.45 3.08 23.53
N ARG B 30 37.69 2.12 22.63
CA ARG B 30 37.12 0.78 22.80
C ARG B 30 37.55 0.13 24.12
N ASP B 31 38.80 0.31 24.54
CA ASP B 31 39.22 -0.15 25.86
C ASP B 31 38.50 0.60 26.98
N ALA B 32 38.42 1.92 26.88
CA ALA B 32 37.73 2.70 27.91
C ALA B 32 36.25 2.33 28.03
N ARG B 33 35.64 1.95 26.92
CA ARG B 33 34.28 1.42 26.99
C ARG B 33 34.26 0.04 27.66
N LYS B 34 35.04 -0.92 27.15
CA LYS B 34 35.05 -2.28 27.70
C LYS B 34 35.30 -2.29 29.20
N ALA B 35 36.28 -1.50 29.65
CA ALA B 35 36.61 -1.44 31.07
C ALA B 35 35.45 -0.89 31.93
N CYS B 36 34.47 -0.24 31.32
CA CYS B 36 33.30 0.26 32.05
C CYS B 36 32.19 -0.75 32.23
N ALA B 37 32.23 -1.88 31.54
CA ALA B 37 31.14 -2.86 31.63
C ALA B 37 31.17 -3.63 32.93
N ASP B 38 31.17 -2.93 34.08
CA ASP B 38 31.19 -3.61 35.37
C ASP B 38 29.99 -4.53 35.54
N ALA B 39 28.84 -4.19 34.97
CA ALA B 39 27.74 -5.12 34.80
C ALA B 39 26.85 -4.68 33.64
N THR B 40 26.33 -5.67 32.92
CA THR B 40 25.35 -5.42 31.88
C THR B 40 23.97 -5.13 32.46
N LEU B 41 23.15 -4.36 31.72
CA LEU B 41 21.89 -3.86 32.26
C LEU B 41 20.98 -5.02 32.70
N SER B 42 20.95 -6.11 31.93
CA SER B 42 20.15 -7.27 32.28
C SER B 42 20.58 -7.91 33.61
N GLN B 43 21.89 -7.81 33.97
CA GLN B 43 22.38 -8.33 35.24
C GLN B 43 21.80 -7.56 36.41
N ILE B 44 21.33 -6.33 36.18
CA ILE B 44 20.77 -5.52 37.23
C ILE B 44 19.25 -5.61 37.20
N THR B 45 18.67 -5.45 36.01
CA THR B 45 17.23 -5.35 35.90
C THR B 45 16.55 -6.71 35.95
N ASN B 46 17.32 -7.79 36.06
CA ASN B 46 16.68 -9.05 36.39
C ASN B 46 15.92 -8.96 37.71
N ASN B 47 16.36 -8.09 38.61
CA ASN B 47 15.64 -7.86 39.86
C ASN B 47 14.35 -7.10 39.68
N ILE B 48 14.17 -6.44 38.56
CA ILE B 48 13.04 -5.55 38.39
C ILE B 48 11.84 -6.33 37.85
N ASP B 49 10.64 -5.87 38.21
CA ASP B 49 9.37 -6.52 37.88
C ASP B 49 9.19 -6.68 36.38
N PRO B 50 9.03 -7.90 35.88
CA PRO B 50 8.70 -8.07 34.46
C PRO B 50 7.36 -7.42 34.13
N VAL B 51 7.38 -6.52 33.14
CA VAL B 51 6.20 -5.74 32.77
C VAL B 51 5.08 -6.62 32.21
N GLY B 52 5.38 -7.85 31.80
CA GLY B 52 4.36 -8.74 31.24
C GLY B 52 3.87 -8.32 29.87
N ARG B 53 2.63 -8.74 29.55
CA ARG B 53 1.98 -8.24 28.35
C ARG B 53 1.49 -6.80 28.52
N ILE B 54 1.93 -5.92 27.63
CA ILE B 54 1.34 -4.60 27.46
C ILE B 54 0.35 -4.73 26.30
N GLN B 55 -0.88 -5.12 26.63
CA GLN B 55 -1.97 -5.02 25.65
C GLN B 55 -2.30 -3.56 25.36
N MET B 56 -2.44 -3.22 24.08
CA MET B 56 -2.82 -1.88 23.70
C MET B 56 -3.78 -1.97 22.52
N ARG B 57 -4.75 -1.04 22.48
CA ARG B 57 -5.80 -1.04 21.45
C ARG B 57 -5.73 0.24 20.64
N THR B 58 -6.13 0.16 19.37
CA THR B 58 -6.37 1.35 18.54
C THR B 58 -7.58 2.11 19.09
N ARG B 59 -7.34 3.24 19.75
CA ARG B 59 -8.43 4.06 20.24
C ARG B 59 -8.94 5.00 19.15
N ARG B 60 -8.08 5.36 18.21
CA ARG B 60 -8.48 6.08 17.03
C ARG B 60 -7.68 5.56 15.84
N THR B 61 -8.34 5.48 14.69
CA THR B 61 -7.69 5.46 13.37
C THR B 61 -7.98 6.74 12.61
N LEU B 62 -6.90 7.41 12.15
CA LEU B 62 -7.03 8.68 11.47
C LEU B 62 -6.89 8.44 9.96
N ARG B 63 -7.99 8.54 9.23
CA ARG B 63 -8.08 8.21 7.81
C ARG B 63 -8.33 9.46 7.00
N GLY B 64 -7.49 9.68 5.99
CA GLY B 64 -7.69 10.81 5.09
C GLY B 64 -6.44 11.21 4.34
N HIS B 65 -5.30 10.63 4.73
CA HIS B 65 -4.10 10.72 3.93
C HIS B 65 -4.26 9.90 2.66
N LEU B 66 -4.07 10.56 1.50
CA LEU B 66 -4.31 9.91 0.21
C LEU B 66 -3.27 8.85 -0.17
N ALA B 67 -2.19 8.68 0.60
CA ALA B 67 -0.94 8.12 0.11
C ALA B 67 -0.12 7.71 1.32
N LYS B 68 0.98 7.04 1.06
CA LYS B 68 1.82 6.51 2.14
C LYS B 68 2.26 7.60 3.09
N ILE B 69 1.97 7.44 4.36
CA ILE B 69 2.47 8.34 5.40
C ILE B 69 3.94 8.05 5.64
N TYR B 70 4.74 9.09 5.81
CA TYR B 70 6.19 8.96 5.95
C TYR B 70 6.72 9.55 7.25
N ALA B 71 6.07 10.56 7.80
CA ALA B 71 6.47 11.14 9.07
C ALA B 71 5.26 11.72 9.79
N MET B 72 5.43 11.80 11.11
CA MET B 72 4.39 12.28 11.99
C MET B 72 5.01 12.72 13.32
N HIS B 73 4.39 13.75 13.94
CA HIS B 73 4.94 14.33 15.16
C HIS B 73 3.82 14.91 16.00
N TRP B 74 3.91 14.65 17.30
CA TRP B 74 2.95 15.23 18.24
C TRP B 74 3.35 16.65 18.61
N GLY B 75 2.36 17.54 18.71
CA GLY B 75 2.59 18.79 19.38
C GLY B 75 2.70 18.61 20.87
N THR B 76 3.29 19.63 21.50
CA THR B 76 3.48 19.57 22.93
C THR B 76 2.15 19.41 23.67
N ASP B 77 1.09 20.03 23.17
CA ASP B 77 -0.23 19.98 23.77
C ASP B 77 -0.85 18.58 23.78
N SER B 78 -0.17 17.59 23.18
CA SER B 78 -0.60 16.18 23.19
C SER B 78 -1.98 16.02 22.57
N ARG B 79 -2.37 16.94 21.70
CA ARG B 79 -3.71 16.90 21.14
C ARG B 79 -3.62 17.06 19.63
N LEU B 80 -2.81 17.98 19.14
CA LEU B 80 -2.66 18.19 17.71
C LEU B 80 -1.51 17.36 17.17
N LEU B 81 -1.73 16.75 16.00
CA LEU B 81 -0.81 15.76 15.45
C LEU B 81 -0.52 16.10 13.99
N VAL B 82 0.71 16.50 13.71
CA VAL B 82 1.09 16.69 12.32
C VAL B 82 1.44 15.34 11.72
N SER B 83 1.09 15.14 10.45
CA SER B 83 1.31 13.88 9.73
C SER B 83 1.52 14.19 8.26
N ALA B 84 2.59 13.62 7.70
CA ALA B 84 3.07 13.94 6.37
C ALA B 84 2.99 12.71 5.49
N SER B 85 2.29 12.85 4.35
CA SER B 85 2.15 11.76 3.42
C SER B 85 2.63 12.16 2.05
N GLN B 86 3.00 11.15 1.27
CA GLN B 86 3.59 11.31 -0.07
C GLN B 86 2.65 11.90 -1.12
N ASP B 87 1.42 12.22 -0.76
CA ASP B 87 0.61 13.11 -1.58
C ASP B 87 1.17 14.53 -1.55
N GLY B 88 1.75 14.94 -0.41
CA GLY B 88 2.04 16.34 -0.14
C GLY B 88 0.97 17.01 0.69
N LYS B 89 0.56 16.37 1.77
CA LYS B 89 -0.29 16.96 2.78
C LYS B 89 0.40 16.90 4.12
N LEU B 90 0.36 17.99 4.86
CA LEU B 90 0.41 17.92 6.32
C LEU B 90 -1.01 18.05 6.81
N ILE B 91 -1.51 16.98 7.46
CA ILE B 91 -2.81 17.00 8.12
C ILE B 91 -2.61 17.19 9.62
N ILE B 92 -3.20 18.25 10.17
CA ILE B 92 -3.18 18.48 11.59
C ILE B 92 -4.46 17.88 12.19
N TRP B 93 -4.31 16.86 13.04
CA TRP B 93 -5.42 16.08 13.56
C TRP B 93 -5.71 16.50 15.00
N ASP B 94 -6.98 16.77 15.31
CA ASP B 94 -7.50 16.76 16.68
C ASP B 94 -7.66 15.32 17.08
N SER B 95 -6.63 14.79 17.69
CA SER B 95 -6.57 13.34 17.98
C SER B 95 -7.71 12.90 18.88
N TYR B 96 -8.21 13.82 19.69
CA TYR B 96 -9.36 13.53 20.56
C TYR B 96 -10.63 13.30 19.78
N THR B 97 -10.72 13.82 18.56
CA THR B 97 -12.00 13.85 17.84
C THR B 97 -11.93 13.30 16.43
N THR B 98 -10.75 13.02 15.88
CA THR B 98 -10.48 12.72 14.47
C THR B 98 -10.73 13.91 13.55
N ASN B 99 -11.08 15.07 14.06
CA ASN B 99 -11.30 16.24 13.21
C ASN B 99 -9.97 16.70 12.61
N LYS B 100 -9.95 16.92 11.30
CA LYS B 100 -8.80 17.55 10.63
C LYS B 100 -8.82 19.04 10.85
N VAL B 101 -7.78 19.56 11.50
CA VAL B 101 -7.69 20.98 11.79
C VAL B 101 -7.17 21.74 10.58
N HIS B 102 -6.15 21.20 9.91
CA HIS B 102 -5.62 21.79 8.69
C HIS B 102 -5.14 20.65 7.79
N ALA B 103 -5.13 20.93 6.48
CA ALA B 103 -4.45 20.09 5.49
C ALA B 103 -3.61 20.99 4.59
N ILE B 104 -2.34 21.09 4.91
CA ILE B 104 -1.41 21.96 4.19
C ILE B 104 -1.08 21.33 2.85
N PRO B 105 -1.37 21.98 1.72
CA PRO B 105 -0.86 21.48 0.45
C PRO B 105 0.63 21.81 0.32
N LEU B 106 1.44 20.78 0.13
CA LEU B 106 2.87 20.93 0.10
C LEU B 106 3.39 21.19 -1.31
N ARG B 107 4.42 22.03 -1.42
CA ARG B 107 4.96 22.40 -2.71
C ARG B 107 5.72 21.24 -3.36
N SER B 108 6.06 20.19 -2.60
CA SER B 108 6.64 19.00 -3.20
C SER B 108 6.23 17.78 -2.40
N SER B 109 5.63 16.79 -3.09
CA SER B 109 4.94 15.69 -2.43
C SER B 109 5.87 14.81 -1.62
N TRP B 110 7.14 14.72 -2.01
CA TRP B 110 8.00 13.70 -1.47
C TRP B 110 8.54 14.08 -0.10
N VAL B 111 7.62 14.42 0.80
CA VAL B 111 7.93 14.85 2.16
C VAL B 111 8.36 13.63 3.00
N MET B 112 9.55 13.73 3.60
CA MET B 112 10.14 12.65 4.39
C MET B 112 10.18 12.93 5.89
N THR B 113 9.91 14.17 6.30
CA THR B 113 10.01 14.53 7.69
C THR B 113 8.96 15.60 7.94
N CYS B 114 8.42 15.64 9.16
CA CYS B 114 7.72 16.82 9.63
C CYS B 114 7.91 16.97 11.14
N ALA B 115 7.69 18.20 11.61
CA ALA B 115 7.87 18.56 13.01
C ALA B 115 6.77 19.55 13.42
N TYR B 116 6.41 19.53 14.69
CA TYR B 116 5.51 20.49 15.27
C TYR B 116 6.26 21.31 16.32
N ALA B 117 6.19 22.63 16.22
CA ALA B 117 6.88 23.51 17.17
C ALA B 117 6.36 23.26 18.58
N PRO B 118 7.18 23.41 19.61
CA PRO B 118 6.69 23.23 20.97
C PRO B 118 5.61 24.21 21.35
N SER B 119 5.53 25.36 20.66
CA SER B 119 4.44 26.29 20.84
C SER B 119 3.15 25.86 20.13
N GLY B 120 3.27 25.07 19.08
CA GLY B 120 2.18 24.80 18.17
C GLY B 120 1.89 25.85 17.13
N ASN B 121 2.69 26.93 17.07
CA ASN B 121 2.43 28.01 16.13
C ASN B 121 2.98 27.72 14.74
N TYR B 122 3.93 26.80 14.65
CA TYR B 122 4.59 26.49 13.38
C TYR B 122 4.63 25.00 13.17
N VAL B 123 4.52 24.58 11.91
CA VAL B 123 4.90 23.25 11.49
C VAL B 123 5.98 23.37 10.42
N ALA B 124 6.85 22.38 10.37
CA ALA B 124 7.94 22.29 9.40
C ALA B 124 7.83 20.98 8.66
N CYS B 125 8.16 20.99 7.37
CA CYS B 125 8.33 19.74 6.65
C CYS B 125 9.30 19.93 5.50
N GLY B 126 9.84 18.80 5.03
CA GLY B 126 10.68 18.82 3.83
C GLY B 126 11.00 17.43 3.37
N GLY B 127 11.79 17.34 2.31
CA GLY B 127 12.23 16.06 1.82
C GLY B 127 13.22 16.14 0.69
N LEU B 128 12.92 15.45 -0.42
CA LEU B 128 13.86 15.36 -1.53
C LEU B 128 14.10 16.69 -2.22
N ASP B 129 13.35 17.74 -1.87
CA ASP B 129 13.59 19.09 -2.39
C ASP B 129 14.76 19.81 -1.74
N ASN B 130 15.33 19.25 -0.70
CA ASN B 130 16.45 19.83 0.05
C ASN B 130 16.08 21.17 0.65
N ILE B 131 14.80 21.45 0.73
CA ILE B 131 14.26 22.62 1.39
C ILE B 131 13.53 22.15 2.66
N CYS B 132 13.71 22.91 3.74
CA CYS B 132 12.85 22.87 4.90
C CYS B 132 11.85 24.03 4.87
N SER B 133 10.56 23.70 4.84
CA SER B 133 9.47 24.64 4.66
C SER B 133 8.69 24.84 5.96
N ILE B 134 8.64 26.09 6.44
CA ILE B 134 8.11 26.41 7.76
C ILE B 134 6.76 27.07 7.55
N TYR B 135 5.69 26.44 8.03
CA TYR B 135 4.31 26.91 7.79
C TYR B 135 3.76 27.52 9.07
N ASN B 136 3.19 28.72 8.96
CA ASN B 136 2.67 29.45 10.12
C ASN B 136 1.17 29.18 10.28
N LEU B 137 0.79 28.72 11.46
CA LEU B 137 -0.59 28.38 11.80
C LEU B 137 -1.30 29.46 12.58
N LYS B 138 -0.58 30.46 13.09
CA LYS B 138 -1.19 31.46 13.96
C LYS B 138 -1.83 32.60 13.19
N THR B 139 -1.82 32.55 11.86
CA THR B 139 -2.09 33.75 11.07
C THR B 139 -3.50 34.29 11.32
N ARG B 140 -3.62 35.62 11.23
CA ARG B 140 -4.88 36.30 11.51
C ARG B 140 -5.98 35.92 10.52
N GLU B 141 -5.62 35.74 9.25
CA GLU B 141 -6.59 35.33 8.23
C GLU B 141 -7.00 33.86 8.35
N GLY B 142 -6.27 33.04 9.10
CA GLY B 142 -6.61 31.63 9.16
C GLY B 142 -6.17 30.80 8.00
N ASN B 143 -5.35 31.33 7.10
CA ASN B 143 -4.86 30.56 5.97
C ASN B 143 -3.39 30.25 6.18
N VAL B 144 -3.06 28.96 6.09
CA VAL B 144 -1.68 28.53 6.28
C VAL B 144 -0.84 28.87 5.05
N ARG B 145 0.34 29.44 5.29
CA ARG B 145 1.21 29.90 4.22
C ARG B 145 2.65 29.51 4.54
N VAL B 146 3.50 29.45 3.49
CA VAL B 146 4.94 29.34 3.73
C VAL B 146 5.42 30.61 4.44
N SER B 147 6.14 30.43 5.55
CA SER B 147 6.82 31.53 6.23
C SER B 147 8.30 31.64 5.86
N ARG B 148 8.99 30.51 5.70
CA ARG B 148 10.36 30.48 5.18
C ARG B 148 10.60 29.20 4.40
N GLU B 149 11.46 29.26 3.40
CA GLU B 149 12.06 28.07 2.80
C GLU B 149 13.54 28.07 3.15
N LEU B 150 13.93 27.13 4.01
CA LEU B 150 15.32 26.97 4.41
C LEU B 150 16.09 26.13 3.38
N ALA B 151 16.81 26.82 2.48
CA ALA B 151 17.52 26.17 1.39
C ALA B 151 19.04 26.32 1.62
N GLY B 152 19.77 25.22 1.48
CA GLY B 152 21.21 25.21 1.62
C GLY B 152 21.81 23.90 2.05
N HIS B 153 20.93 22.96 2.42
CA HIS B 153 21.28 21.54 2.46
C HIS B 153 21.49 21.01 1.06
N THR B 154 22.28 19.93 0.93
CA THR B 154 22.61 19.37 -0.37
C THR B 154 22.11 17.94 -0.49
N GLY B 155 21.05 17.60 0.24
CA GLY B 155 20.37 16.32 0.03
C GLY B 155 19.14 16.28 0.91
N TYR B 156 18.34 15.22 0.69
CA TYR B 156 16.94 15.23 1.19
C TYR B 156 16.90 15.45 2.70
N LEU B 157 16.01 16.35 3.13
CA LEU B 157 15.75 16.50 4.54
C LEU B 157 15.14 15.21 5.12
N SER B 158 15.90 14.58 6.01
CA SER B 158 15.44 13.33 6.60
C SER B 158 14.76 13.49 7.95
N CYS B 159 15.12 14.54 8.70
CA CYS B 159 14.48 14.80 9.99
C CYS B 159 14.66 16.27 10.36
N CYS B 160 13.63 16.86 10.92
CA CYS B 160 13.67 18.23 11.41
C CYS B 160 13.04 18.30 12.79
N ARG B 161 13.59 19.16 13.65
CA ARG B 161 13.08 19.32 15.01
C ARG B 161 13.34 20.75 15.45
N PHE B 162 12.29 21.38 15.95
CA PHE B 162 12.38 22.74 16.48
C PHE B 162 13.07 22.77 17.84
N LEU B 163 14.07 23.64 17.97
CA LEU B 163 14.51 24.04 19.32
C LEU B 163 13.53 25.03 19.93
N ASP B 164 13.02 25.95 19.11
CA ASP B 164 12.11 27.01 19.53
C ASP B 164 11.50 27.60 18.29
N ASP B 165 10.50 28.48 18.47
CA ASP B 165 9.85 29.13 17.34
C ASP B 165 10.85 29.79 16.40
N ASN B 166 12.02 30.17 16.89
CA ASN B 166 13.04 30.81 16.08
C ASN B 166 14.23 29.92 15.75
N GLN B 167 14.29 28.71 16.30
CA GLN B 167 15.40 27.82 15.95
C GLN B 167 14.91 26.42 15.60
N ILE B 168 15.46 25.86 14.53
CA ILE B 168 15.15 24.51 14.07
C ILE B 168 16.44 23.79 13.73
N VAL B 169 16.58 22.54 14.17
CA VAL B 169 17.69 21.68 13.79
C VAL B 169 17.21 20.76 12.70
N THR B 170 18.06 20.56 11.70
CA THR B 170 17.70 19.79 10.52
C THR B 170 18.80 18.77 10.23
N SER B 171 18.40 17.69 9.57
CA SER B 171 19.28 16.63 9.11
C SER B 171 18.94 16.31 7.66
N SER B 172 19.93 15.85 6.90
CA SER B 172 19.74 15.64 5.47
C SER B 172 20.38 14.33 5.01
N GLY B 173 20.00 13.94 3.80
CA GLY B 173 20.71 13.01 2.95
C GLY B 173 22.03 13.53 2.48
N ASP B 174 22.77 14.18 3.37
CA ASP B 174 24.16 14.54 3.11
C ASP B 174 24.96 14.21 4.36
N THR B 175 26.26 14.57 4.36
CA THR B 175 27.12 14.32 5.51
C THR B 175 26.71 15.10 6.76
N THR B 176 25.78 16.03 6.68
CA THR B 176 25.75 17.15 7.61
C THR B 176 24.40 17.20 8.32
N CYS B 177 24.44 17.72 9.55
CA CYS B 177 23.29 18.37 10.16
C CYS B 177 23.49 19.88 10.09
N ALA B 178 22.40 20.60 10.31
CA ALA B 178 22.47 22.04 10.40
C ALA B 178 21.42 22.55 11.40
N LEU B 179 21.71 23.72 11.98
CA LEU B 179 20.77 24.44 12.82
C LEU B 179 20.42 25.74 12.11
N TRP B 180 19.13 26.03 12.03
CA TRP B 180 18.65 27.20 11.30
C TRP B 180 17.98 28.20 12.24
N ASP B 181 18.31 29.49 12.06
CA ASP B 181 17.45 30.57 12.49
C ASP B 181 16.38 30.77 11.43
N ILE B 182 15.11 30.53 11.77
CA ILE B 182 14.05 30.63 10.78
C ILE B 182 13.91 32.07 10.27
N GLU B 183 13.82 33.03 11.18
CA GLU B 183 13.58 34.43 10.77
C GLU B 183 14.60 34.89 9.75
N THR B 184 15.86 34.55 9.93
CA THR B 184 16.87 34.95 8.96
C THR B 184 17.11 33.92 7.87
N GLY B 185 16.51 32.73 7.98
CA GLY B 185 16.54 31.76 6.90
C GLY B 185 17.91 31.24 6.56
N GLN B 186 18.80 31.10 7.56
CA GLN B 186 20.20 30.79 7.32
C GLN B 186 20.69 29.83 8.41
N GLN B 187 21.78 29.13 8.10
CA GLN B 187 22.38 28.23 9.06
C GLN B 187 23.09 29.03 10.13
N THR B 188 22.74 28.83 11.40
CA THR B 188 23.56 29.31 12.52
C THR B 188 24.69 28.33 12.86
N THR B 189 24.54 27.04 12.53
CA THR B 189 25.62 26.08 12.72
C THR B 189 25.39 24.93 11.75
N THR B 190 26.49 24.30 11.31
CA THR B 190 26.48 23.03 10.61
C THR B 190 27.24 21.96 11.42
N PHE B 191 26.67 20.76 11.47
CA PHE B 191 27.26 19.60 12.16
C PHE B 191 27.62 18.58 11.10
N THR B 192 28.92 18.32 10.95
CA THR B 192 29.50 17.83 9.70
C THR B 192 30.23 16.49 9.83
N GLY B 193 30.49 16.03 11.07
CA GLY B 193 31.38 14.88 11.21
C GLY B 193 30.80 13.57 10.74
N HIS B 194 29.50 13.50 10.55
CA HIS B 194 28.91 12.28 10.05
C HIS B 194 29.40 11.96 8.64
N THR B 195 29.75 10.70 8.40
CA THR B 195 30.24 10.31 7.08
C THR B 195 29.10 9.94 6.14
N GLY B 196 28.11 9.17 6.63
CA GLY B 196 26.95 8.80 5.86
C GLY B 196 25.81 9.81 6.00
N ASP B 197 24.76 9.56 5.23
CA ASP B 197 23.54 10.35 5.29
C ASP B 197 22.96 10.29 6.69
N VAL B 198 22.75 11.45 7.30
CA VAL B 198 22.05 11.57 8.58
C VAL B 198 20.57 11.29 8.39
N MET B 199 20.07 10.26 9.05
CA MET B 199 18.77 9.70 8.74
C MET B 199 17.69 10.08 9.76
N SER B 200 18.06 10.29 11.02
CA SER B 200 17.10 10.60 12.05
C SER B 200 17.74 11.49 13.12
N LEU B 201 16.92 12.34 13.72
CA LEU B 201 17.32 13.16 14.86
C LEU B 201 16.40 12.91 16.03
N SER B 202 16.90 13.22 17.24
CA SER B 202 16.02 13.53 18.36
C SER B 202 16.70 14.53 19.25
N LEU B 203 15.92 15.48 19.73
CA LEU B 203 16.36 16.46 20.69
C LEU B 203 16.33 15.91 22.11
N ALA B 204 17.36 16.21 22.87
CA ALA B 204 17.31 16.05 24.31
C ALA B 204 16.23 16.97 24.89
N PRO B 205 15.50 16.54 25.91
CA PRO B 205 14.42 17.40 26.46
C PRO B 205 14.89 18.76 26.95
N ASP B 206 16.13 18.88 27.38
CA ASP B 206 16.70 20.17 27.74
C ASP B 206 16.92 21.10 26.55
N THR B 207 16.83 20.58 25.33
CA THR B 207 17.01 21.29 24.07
C THR B 207 18.44 21.82 23.93
N ARG B 208 19.38 21.31 24.72
CA ARG B 208 20.78 21.75 24.67
C ARG B 208 21.69 20.75 23.96
N LEU B 209 21.24 19.51 23.77
CA LEU B 209 21.96 18.51 22.97
C LEU B 209 20.99 17.87 21.98
N PHE B 210 21.57 17.30 20.91
CA PHE B 210 20.81 16.40 20.07
C PHE B 210 21.71 15.30 19.53
N VAL B 211 21.08 14.20 19.14
CA VAL B 211 21.76 13.02 18.68
C VAL B 211 21.31 12.67 17.26
N SER B 212 22.25 12.25 16.42
CA SER B 212 22.04 12.06 14.99
C SER B 212 22.43 10.66 14.56
N GLY B 213 21.43 9.87 14.15
CA GLY B 213 21.67 8.56 13.58
C GLY B 213 21.90 8.66 12.08
N ALA B 214 22.89 7.93 11.59
CA ALA B 214 23.30 8.01 10.20
C ALA B 214 23.46 6.63 9.55
N CYS B 215 23.43 6.67 8.21
CA CYS B 215 23.55 5.50 7.33
C CYS B 215 24.92 4.83 7.40
N ASP B 216 25.88 5.42 8.13
CA ASP B 216 27.17 4.79 8.36
C ASP B 216 27.20 3.94 9.62
N ALA B 217 26.04 3.58 10.18
CA ALA B 217 25.89 2.74 11.37
C ALA B 217 26.47 3.40 12.64
N SER B 218 26.68 4.71 12.64
CA SER B 218 27.14 5.42 13.84
C SER B 218 26.12 6.48 14.26
N ALA B 219 26.10 6.80 15.56
CA ALA B 219 25.35 7.93 16.09
C ALA B 219 26.33 8.95 16.66
N LYS B 220 26.09 10.22 16.38
CA LYS B 220 26.93 11.29 16.89
C LYS B 220 26.09 12.24 17.72
N LEU B 221 26.65 12.63 18.85
CA LEU B 221 26.05 13.61 19.75
C LEU B 221 26.68 14.97 19.52
N TRP B 222 25.84 16.00 19.30
CA TRP B 222 26.30 17.34 18.97
C TRP B 222 25.93 18.29 20.07
N ASP B 223 26.88 19.12 20.46
CA ASP B 223 26.57 20.31 21.25
C ASP B 223 25.93 21.34 20.31
N VAL B 224 24.64 21.59 20.51
CA VAL B 224 23.91 22.49 19.63
C VAL B 224 24.62 23.83 19.51
N ARG B 225 25.15 24.32 20.63
CA ARG B 225 25.81 25.63 20.64
C ARG B 225 27.25 25.56 20.16
N GLU B 226 28.00 24.54 20.56
CA GLU B 226 29.41 24.47 20.24
C GLU B 226 29.64 23.96 18.82
N GLY B 227 28.77 23.05 18.35
CA GLY B 227 28.95 22.44 17.05
C GLY B 227 29.84 21.22 17.01
N MET B 228 30.54 20.89 18.13
CA MET B 228 31.46 19.75 18.15
C MET B 228 30.66 18.48 18.49
N CYS B 229 31.06 17.37 17.86
CA CYS B 229 30.57 16.06 18.27
C CYS B 229 31.21 15.67 19.59
N ARG B 230 30.38 15.59 20.65
CA ARG B 230 30.86 15.17 21.96
C ARG B 230 31.10 13.67 22.07
N GLN B 231 30.27 12.85 21.42
CA GLN B 231 30.41 11.39 21.50
C GLN B 231 29.91 10.76 20.20
N THR B 232 30.55 9.66 19.82
CA THR B 232 30.29 8.97 18.57
C THR B 232 30.05 7.50 18.90
N PHE B 233 28.80 7.04 18.76
CA PHE B 233 28.42 5.68 19.11
C PHE B 233 28.23 4.89 17.83
N THR B 234 28.86 3.70 17.79
CA THR B 234 29.16 3.02 16.52
C THR B 234 28.71 1.55 16.49
N GLY B 235 28.15 1.04 17.57
CA GLY B 235 27.97 -0.38 17.72
C GLY B 235 26.90 -1.05 16.87
N HIS B 236 26.36 -0.29 15.92
CA HIS B 236 25.40 -0.85 14.97
C HIS B 236 26.10 -1.38 13.73
N GLU B 237 25.40 -2.27 13.00
CA GLU B 237 25.95 -2.86 11.80
C GLU B 237 25.32 -2.31 10.53
N SER B 238 24.39 -1.36 10.64
CA SER B 238 23.73 -0.84 9.45
C SER B 238 23.13 0.52 9.81
N ASP B 239 22.46 1.13 8.84
CA ASP B 239 21.86 2.45 8.99
C ASP B 239 21.05 2.56 10.28
N ILE B 240 21.39 3.56 11.10
CA ILE B 240 20.53 3.99 12.20
C ILE B 240 19.34 4.77 11.65
N ASN B 241 18.36 4.03 11.13
CA ASN B 241 17.19 4.62 10.50
C ASN B 241 16.30 5.37 11.48
N ALA B 242 16.40 5.09 12.78
CA ALA B 242 15.62 5.78 13.79
C ALA B 242 16.45 5.98 15.05
N ILE B 243 16.14 7.09 15.74
CA ILE B 243 16.82 7.44 16.98
C ILE B 243 15.78 8.18 17.86
N CYS B 244 15.92 8.01 19.17
CA CYS B 244 15.04 8.63 20.13
C CYS B 244 15.73 8.79 21.47
N PHE B 245 15.55 9.94 22.09
CA PHE B 245 16.06 10.19 23.42
C PHE B 245 15.21 9.50 24.50
N PHE B 246 15.90 8.89 25.47
CA PHE B 246 15.26 8.42 26.71
C PHE B 246 14.85 9.64 27.55
N PRO B 247 13.65 9.62 28.14
CA PRO B 247 13.05 10.88 28.60
C PRO B 247 13.84 11.63 29.65
N ASN B 248 14.82 10.99 30.31
CA ASN B 248 15.70 11.71 31.23
C ASN B 248 16.83 12.48 30.52
N GLY B 249 17.07 12.17 29.25
CA GLY B 249 18.07 12.80 28.43
C GLY B 249 19.47 12.22 28.50
N ASN B 250 19.65 11.10 29.21
CA ASN B 250 20.98 10.52 29.44
C ASN B 250 21.24 9.25 28.62
N ALA B 251 20.24 8.74 27.91
CA ALA B 251 20.43 7.62 27.00
C ALA B 251 19.52 7.83 25.79
N PHE B 252 19.81 7.10 24.71
CA PHE B 252 18.96 7.15 23.52
C PHE B 252 18.91 5.78 22.84
N ALA B 253 17.75 5.45 22.29
CA ALA B 253 17.47 4.22 21.58
C ALA B 253 17.76 4.44 20.09
N THR B 254 18.23 3.39 19.43
CA THR B 254 18.73 3.47 18.05
C THR B 254 18.21 2.28 17.24
N GLY B 255 17.21 2.55 16.39
CA GLY B 255 16.67 1.51 15.53
C GLY B 255 17.49 1.43 14.26
N SER B 256 17.79 0.21 13.80
CA SER B 256 18.57 0.05 12.58
C SER B 256 18.06 -1.12 11.76
N ASP B 257 18.44 -1.14 10.48
CA ASP B 257 18.19 -2.23 9.53
C ASP B 257 19.03 -3.47 9.82
N ASP B 258 19.82 -3.46 10.91
CA ASP B 258 20.31 -4.69 11.51
C ASP B 258 19.18 -5.55 12.02
N ALA B 259 17.95 -5.02 12.06
CA ALA B 259 16.80 -5.63 12.75
C ALA B 259 17.04 -5.75 14.27
N THR B 260 17.81 -4.84 14.82
CA THR B 260 18.06 -4.78 16.25
C THR B 260 17.85 -3.35 16.70
N CYS B 261 17.47 -3.19 17.97
CA CYS B 261 17.53 -1.89 18.60
C CYS B 261 18.55 -1.91 19.73
N ARG B 262 19.19 -0.75 19.95
CA ARG B 262 20.23 -0.64 20.96
C ARG B 262 20.08 0.64 21.73
N LEU B 263 20.33 0.57 23.05
CA LEU B 263 20.21 1.72 23.95
C LEU B 263 21.61 2.22 24.32
N PHE B 264 21.93 3.42 23.87
CA PHE B 264 23.24 4.01 24.11
C PHE B 264 23.09 5.09 25.19
N ASP B 265 23.96 5.04 26.18
CA ASP B 265 23.96 6.01 27.26
C ASP B 265 25.19 6.90 27.16
N LEU B 266 24.96 8.20 27.22
CA LEU B 266 26.04 9.16 27.02
C LEU B 266 27.12 9.05 28.09
N ARG B 267 26.70 8.91 29.35
CA ARG B 267 27.65 8.82 30.45
C ARG B 267 28.34 7.48 30.50
N ALA B 268 27.64 6.39 30.13
CA ALA B 268 28.34 5.12 29.94
C ALA B 268 29.25 5.16 28.72
N ASP B 269 28.93 6.02 27.75
CA ASP B 269 29.59 6.06 26.44
C ASP B 269 29.53 4.73 25.70
N GLN B 270 28.55 3.88 26.02
CA GLN B 270 28.55 2.51 25.55
C GLN B 270 27.13 2.02 25.41
N GLU B 271 26.94 1.00 24.56
CA GLU B 271 25.68 0.29 24.49
C GLU B 271 25.38 -0.46 25.80
N LEU B 272 24.29 -0.06 26.47
CA LEU B 272 23.88 -0.79 27.65
C LEU B 272 23.17 -2.08 27.28
N MET B 273 22.31 -2.05 26.27
CA MET B 273 21.39 -3.16 26.04
C MET B 273 21.09 -3.21 24.55
N THR B 274 20.84 -4.41 24.06
CA THR B 274 20.40 -4.64 22.68
C THR B 274 19.08 -5.39 22.67
N TYR B 275 18.13 -4.91 21.87
CA TYR B 275 16.80 -5.49 21.76
C TYR B 275 16.72 -6.21 20.43
N SER B 276 16.67 -7.53 20.49
CA SER B 276 16.58 -8.32 19.28
C SER B 276 15.93 -9.65 19.58
N HIS B 277 15.39 -10.26 18.52
CA HIS B 277 14.91 -11.62 18.59
C HIS B 277 15.05 -12.27 17.23
N ASP B 278 15.27 -13.57 17.23
CA ASP B 278 15.55 -14.26 15.98
C ASP B 278 14.33 -14.23 15.04
N ASN B 279 13.12 -13.97 15.56
CA ASN B 279 11.95 -13.80 14.73
C ASN B 279 11.94 -12.50 13.98
N ILE B 280 12.88 -11.58 14.24
CA ILE B 280 12.87 -10.27 13.59
C ILE B 280 14.03 -10.18 12.60
N ILE B 281 13.79 -10.59 11.36
CA ILE B 281 14.63 -10.19 10.24
C ILE B 281 14.33 -8.76 9.77
N CYS B 282 13.17 -8.20 10.14
CA CYS B 282 12.71 -6.90 9.63
C CYS B 282 13.43 -5.73 10.28
N GLY B 283 13.86 -4.76 9.47
CA GLY B 283 14.47 -3.57 10.01
C GLY B 283 13.51 -2.72 10.83
N ILE B 284 14.11 -1.85 11.64
CA ILE B 284 13.36 -1.01 12.58
C ILE B 284 13.26 0.38 11.99
N THR B 285 12.04 0.88 11.87
CA THR B 285 11.73 2.03 11.02
C THR B 285 11.50 3.31 11.81
N SER B 286 11.06 3.20 13.07
CA SER B 286 10.90 4.36 13.96
C SER B 286 10.95 3.87 15.39
N VAL B 287 11.51 4.71 16.28
CA VAL B 287 11.53 4.42 17.72
C VAL B 287 11.08 5.63 18.53
N SER B 288 10.44 5.34 19.65
CA SER B 288 10.04 6.37 20.60
C SER B 288 9.97 5.74 21.99
N PHE B 289 9.86 6.59 23.00
CA PHE B 289 9.72 6.16 24.39
C PHE B 289 8.45 6.67 25.01
N SER B 290 7.86 5.86 25.86
CA SER B 290 6.82 6.33 26.78
C SER B 290 7.40 7.31 27.80
N LYS B 291 6.49 8.07 28.44
CA LYS B 291 6.98 9.22 29.23
C LYS B 291 7.92 8.79 30.34
N SER B 292 7.69 7.61 30.91
CA SER B 292 8.58 7.09 31.94
C SER B 292 9.92 6.58 31.40
N GLY B 293 10.02 6.36 30.09
CA GLY B 293 11.14 5.61 29.53
C GLY B 293 11.03 4.11 29.72
N ARG B 294 10.06 3.61 30.47
CA ARG B 294 10.00 2.20 30.82
C ARG B 294 9.62 1.36 29.61
N LEU B 295 8.82 1.88 28.69
CA LEU B 295 8.56 1.22 27.42
C LEU B 295 9.32 1.87 26.27
N LEU B 296 10.08 1.04 25.54
CA LEU B 296 10.64 1.42 24.25
C LEU B 296 9.74 0.84 23.16
N LEU B 297 9.29 1.70 22.27
CA LEU B 297 8.47 1.30 21.14
C LEU B 297 9.28 1.40 19.86
N ALA B 298 9.19 0.34 19.06
CA ALA B 298 9.91 0.21 17.80
C ALA B 298 8.93 -0.17 16.70
N GLY B 299 9.02 0.57 15.59
CA GLY B 299 8.31 0.21 14.39
C GLY B 299 9.14 -0.69 13.52
N TYR B 300 8.47 -1.55 12.78
CA TYR B 300 9.17 -2.56 11.96
C TYR B 300 8.54 -2.68 10.59
N ASP B 301 9.25 -3.35 9.69
CA ASP B 301 8.67 -4.10 8.59
C ASP B 301 7.92 -5.34 9.10
N ASP B 302 7.23 -6.02 8.19
CA ASP B 302 6.15 -6.95 8.53
C ASP B 302 5.06 -6.29 9.37
N PHE B 303 4.96 -4.98 9.21
CA PHE B 303 3.74 -4.23 9.43
C PHE B 303 3.34 -4.20 10.90
N ASN B 304 4.29 -4.30 11.81
CA ASN B 304 4.01 -4.39 13.22
C ASN B 304 4.83 -3.32 13.92
N CYS B 305 4.33 -2.90 15.09
CA CYS B 305 5.11 -2.20 16.10
C CYS B 305 5.28 -3.13 17.29
N ASN B 306 6.52 -3.25 17.76
CA ASN B 306 6.80 -4.03 18.97
C ASN B 306 7.11 -3.08 20.12
N VAL B 307 6.61 -3.40 21.31
CA VAL B 307 6.80 -2.59 22.50
C VAL B 307 7.79 -3.33 23.40
N TRP B 308 8.89 -2.67 23.74
CA TRP B 308 9.97 -3.30 24.48
C TRP B 308 10.08 -2.69 25.88
N ASP B 309 10.23 -3.58 26.87
CA ASP B 309 10.74 -3.16 28.18
C ASP B 309 12.19 -2.73 28.01
N ALA B 310 12.44 -1.42 28.07
CA ALA B 310 13.77 -0.89 27.80
C ALA B 310 14.80 -1.35 28.81
N LEU B 311 14.35 -1.80 29.99
CA LEU B 311 15.22 -2.35 31.01
C LEU B 311 15.39 -3.85 30.92
N LYS B 312 14.35 -4.58 30.54
CA LYS B 312 14.38 -6.04 30.50
C LYS B 312 14.82 -6.57 29.15
N ALA B 313 14.65 -5.81 28.09
CA ALA B 313 14.70 -6.30 26.71
C ALA B 313 13.73 -7.45 26.52
N ASP B 314 12.48 -7.16 26.79
CA ASP B 314 11.40 -8.11 26.68
C ASP B 314 10.31 -7.51 25.80
N ARG B 315 9.81 -8.30 24.86
CA ARG B 315 8.71 -7.91 24.02
C ARG B 315 7.40 -7.90 24.77
N ALA B 316 7.04 -6.76 25.35
CA ALA B 316 5.81 -6.62 26.13
C ALA B 316 4.56 -6.69 25.29
N GLY B 317 4.67 -6.47 23.98
CA GLY B 317 3.49 -6.55 23.14
C GLY B 317 3.83 -6.19 21.71
N VAL B 318 2.79 -6.30 20.83
CA VAL B 318 2.89 -5.90 19.45
C VAL B 318 1.63 -5.15 19.07
N LEU B 319 1.77 -4.21 18.14
CA LEU B 319 0.65 -3.50 17.54
C LEU B 319 0.60 -3.90 16.09
N ALA B 320 -0.50 -4.54 15.69
CA ALA B 320 -0.52 -5.31 14.44
C ALA B 320 -1.64 -4.87 13.50
N GLY B 321 -2.11 -3.64 13.64
CA GLY B 321 -3.27 -3.15 12.91
C GLY B 321 -2.97 -2.65 11.52
N HIS B 322 -1.69 -2.71 11.09
CA HIS B 322 -1.23 -2.10 9.85
C HIS B 322 -0.97 -3.21 8.81
N ASP B 323 -1.08 -2.82 7.54
CA ASP B 323 -0.89 -3.71 6.39
C ASP B 323 0.24 -3.21 5.50
N ASN B 324 1.04 -2.27 5.97
CA ASN B 324 2.26 -1.86 5.25
C ASN B 324 3.26 -1.36 6.28
N ARG B 325 4.45 -1.05 5.80
CA ARG B 325 5.57 -0.69 6.66
C ARG B 325 5.20 0.45 7.62
N VAL B 326 5.41 0.23 8.92
CA VAL B 326 5.18 1.28 9.92
C VAL B 326 6.20 2.40 9.68
N SER B 327 5.72 3.53 9.15
CA SER B 327 6.64 4.58 8.69
C SER B 327 7.15 5.48 9.80
N CYS B 328 6.29 5.84 10.74
CA CYS B 328 6.64 6.77 11.81
C CYS B 328 5.92 6.34 13.09
N LEU B 329 6.53 6.69 14.23
CA LEU B 329 6.06 6.19 15.52
C LEU B 329 6.48 7.19 16.58
N GLY B 330 5.49 7.80 17.23
CA GLY B 330 5.76 8.86 18.20
C GLY B 330 4.78 8.80 19.36
N VAL B 331 5.26 9.27 20.51
CA VAL B 331 4.54 9.17 21.77
C VAL B 331 4.44 10.57 22.34
N THR B 332 3.26 10.92 22.83
CA THR B 332 3.01 12.25 23.35
C THR B 332 3.91 12.54 24.54
N ASP B 333 4.20 13.83 24.72
CA ASP B 333 5.00 14.22 25.88
C ASP B 333 4.34 13.83 27.19
N ASP B 334 3.02 13.82 27.25
CA ASP B 334 2.33 13.31 28.43
C ASP B 334 2.22 11.80 28.49
N GLY B 335 2.70 11.09 27.48
CA GLY B 335 2.60 9.62 27.48
C GLY B 335 1.21 9.06 27.28
N MET B 336 0.21 9.89 26.95
CA MET B 336 -1.15 9.41 26.98
C MET B 336 -1.46 8.45 25.83
N ALA B 337 -0.86 8.64 24.66
CA ALA B 337 -1.19 7.85 23.49
C ALA B 337 0.03 7.67 22.60
N VAL B 338 -0.02 6.60 21.81
CA VAL B 338 1.01 6.28 20.82
C VAL B 338 0.38 6.37 19.43
N ALA B 339 0.92 7.26 18.59
CA ALA B 339 0.50 7.34 17.20
C ALA B 339 1.41 6.46 16.37
N THR B 340 0.84 5.81 15.36
CA THR B 340 1.62 4.94 14.48
C THR B 340 1.21 5.21 13.04
N GLY B 341 2.12 5.74 12.23
CA GLY B 341 1.89 5.88 10.81
C GLY B 341 2.34 4.64 10.06
N SER B 342 1.77 4.48 8.86
CA SER B 342 2.20 3.39 7.99
C SER B 342 2.37 3.90 6.57
N TRP B 343 2.93 3.03 5.71
CA TRP B 343 2.79 3.23 4.28
C TRP B 343 1.39 2.85 3.79
N ASP B 344 0.54 2.30 4.66
CA ASP B 344 -0.89 2.45 4.48
C ASP B 344 -1.29 3.92 4.63
N SER B 345 -2.42 4.25 4.01
CA SER B 345 -3.00 5.57 4.21
C SER B 345 -3.37 5.88 5.65
N PHE B 346 -3.44 4.85 6.50
CA PHE B 346 -4.06 4.96 7.80
C PHE B 346 -3.06 5.43 8.84
N LEU B 347 -3.53 6.26 9.77
CA LEU B 347 -2.76 6.66 10.95
C LEU B 347 -3.52 6.20 12.17
N LYS B 348 -2.95 5.24 12.90
CA LYS B 348 -3.65 4.61 14.00
C LYS B 348 -3.08 5.03 15.34
N ILE B 349 -3.95 5.47 16.24
CA ILE B 349 -3.60 5.93 17.60
C ILE B 349 -3.85 4.81 18.58
N TRP B 350 -2.87 4.55 19.42
CA TRP B 350 -2.88 3.42 20.33
C TRP B 350 -2.65 3.89 21.76
N ASN B 351 -3.37 3.31 22.72
CA ASN B 351 -2.88 3.23 24.10
C ASN B 351 -3.58 2.14 24.90
N GLU C 38 -42.90 -42.00 -10.15
CA GLU C 38 -41.91 -41.28 -10.94
C GLU C 38 -40.52 -41.65 -10.43
N TRP C 39 -39.56 -41.82 -11.38
CA TRP C 39 -38.21 -42.08 -10.92
C TRP C 39 -37.46 -40.78 -10.61
N GLN C 40 -37.93 -39.63 -11.10
CA GLN C 40 -37.17 -38.39 -11.03
C GLN C 40 -36.92 -37.86 -9.62
N PRO C 41 -37.80 -38.09 -8.62
CA PRO C 41 -37.50 -37.53 -7.27
C PRO C 41 -36.13 -37.91 -6.71
N ALA C 42 -35.66 -39.15 -6.95
CA ALA C 42 -34.36 -39.55 -6.40
C ALA C 42 -33.20 -38.73 -6.97
N VAL C 43 -33.22 -38.45 -8.28
CA VAL C 43 -32.16 -37.66 -8.89
C VAL C 43 -32.33 -36.18 -8.54
N GLN C 44 -33.56 -35.70 -8.46
CA GLN C 44 -33.80 -34.35 -7.97
C GLN C 44 -33.21 -34.18 -6.58
N ILE C 45 -33.59 -35.05 -5.65
CA ILE C 45 -33.11 -34.97 -4.27
C ILE C 45 -31.58 -35.02 -4.23
N LEU C 46 -30.99 -35.96 -4.96
CA LEU C 46 -29.53 -36.11 -4.99
C LEU C 46 -28.83 -34.87 -5.52
N LEU C 47 -29.21 -34.41 -6.72
CA LEU C 47 -28.55 -33.25 -7.34
C LEU C 47 -28.79 -31.96 -6.57
N TYR C 48 -29.99 -31.78 -5.99
CA TYR C 48 -30.20 -30.66 -5.07
C TYR C 48 -29.31 -30.76 -3.84
N SER C 49 -29.31 -31.88 -3.15
CA SER C 49 -28.50 -32.03 -1.93
C SER C 49 -27.03 -31.78 -2.20
N LEU C 50 -26.52 -32.33 -3.31
CA LEU C 50 -25.15 -32.12 -3.73
C LEU C 50 -24.83 -30.66 -4.03
N ILE C 51 -25.68 -29.99 -4.84
CA ILE C 51 -25.43 -28.58 -5.15
C ILE C 51 -25.59 -27.69 -3.91
N PHE C 52 -26.49 -28.05 -3.00
CA PHE C 52 -26.66 -27.30 -1.75
C PHE C 52 -25.45 -27.42 -0.87
N LEU C 53 -24.98 -28.66 -0.65
CA LEU C 53 -23.75 -28.86 0.10
C LEU C 53 -22.58 -28.12 -0.52
N LEU C 54 -22.34 -28.31 -1.82
CA LEU C 54 -21.21 -27.64 -2.46
C LEU C 54 -21.33 -26.12 -2.45
N SER C 55 -22.53 -25.59 -2.52
CA SER C 55 -22.75 -24.14 -2.47
C SER C 55 -22.57 -23.59 -1.06
N VAL C 56 -23.03 -24.31 -0.05
CA VAL C 56 -22.82 -23.85 1.31
C VAL C 56 -21.32 -23.88 1.64
N LEU C 57 -20.67 -25.01 1.41
CA LEU C 57 -19.23 -25.10 1.65
C LEU C 57 -18.48 -24.03 0.89
N GLY C 58 -18.71 -23.93 -0.41
CA GLY C 58 -17.97 -22.97 -1.23
C GLY C 58 -18.16 -21.54 -0.79
N ASN C 59 -19.43 -21.10 -0.67
CA ASN C 59 -19.66 -19.71 -0.30
C ASN C 59 -19.23 -19.40 1.14
N THR C 60 -19.44 -20.29 2.09
CA THR C 60 -18.95 -20.00 3.45
C THR C 60 -17.43 -20.03 3.55
N LEU C 61 -16.76 -20.90 2.79
CA LEU C 61 -15.30 -20.84 2.69
C LEU C 61 -14.84 -19.53 2.10
N VAL C 62 -15.48 -19.08 1.03
CA VAL C 62 -15.14 -17.78 0.46
C VAL C 62 -15.33 -16.65 1.47
N ILE C 63 -16.44 -16.65 2.19
CA ILE C 63 -16.72 -15.63 3.18
C ILE C 63 -15.67 -15.62 4.27
N THR C 64 -15.44 -16.77 4.89
CA THR C 64 -14.45 -16.88 5.96
C THR C 64 -13.04 -16.50 5.50
N VAL C 65 -12.62 -16.91 4.31
CA VAL C 65 -11.33 -16.48 3.77
C VAL C 65 -11.29 -14.96 3.52
N LEU C 66 -12.40 -14.35 3.07
CA LEU C 66 -12.35 -12.91 2.82
C LEU C 66 -12.51 -12.06 4.06
N ILE C 67 -13.11 -12.57 5.13
CA ILE C 67 -13.18 -11.82 6.38
C ILE C 67 -12.00 -12.10 7.33
N ARG C 68 -11.39 -13.29 7.28
CA ARG C 68 -10.25 -13.58 8.14
C ARG C 68 -8.96 -12.95 7.65
N ASN C 69 -8.87 -12.66 6.36
CA ASN C 69 -7.67 -12.06 5.76
C ASN C 69 -8.01 -10.66 5.28
N LYS C 70 -7.96 -9.70 6.20
CA LYS C 70 -8.25 -8.31 5.82
C LYS C 70 -7.32 -7.76 4.76
N ARG C 71 -6.12 -8.33 4.62
CA ARG C 71 -5.27 -8.00 3.49
C ARG C 71 -5.86 -8.44 2.16
N MET C 72 -6.77 -9.42 2.18
CA MET C 72 -7.40 -9.91 0.96
C MET C 72 -8.67 -9.13 0.56
N ARG C 73 -9.15 -8.23 1.43
CA ARG C 73 -10.37 -7.47 1.17
C ARG C 73 -10.06 -6.37 0.14
N THR C 74 -9.50 -6.74 -1.01
CA THR C 74 -9.40 -5.81 -2.12
C THR C 74 -10.77 -5.47 -2.69
N VAL C 75 -10.81 -4.41 -3.49
CA VAL C 75 -12.05 -3.96 -4.16
C VAL C 75 -12.71 -5.11 -4.90
N THR C 76 -11.95 -5.83 -5.71
CA THR C 76 -12.50 -6.96 -6.43
C THR C 76 -12.98 -8.01 -5.46
N ASN C 77 -12.16 -8.33 -4.45
CA ASN C 77 -12.54 -9.34 -3.49
C ASN C 77 -13.73 -8.91 -2.64
N ILE C 78 -13.91 -7.60 -2.41
CA ILE C 78 -15.12 -7.06 -1.80
C ILE C 78 -16.37 -7.35 -2.65
N PHE C 79 -16.27 -7.15 -3.96
CA PHE C 79 -17.37 -7.60 -4.82
C PHE C 79 -17.53 -9.11 -4.81
N LEU C 80 -16.45 -9.86 -4.73
CA LEU C 80 -16.61 -11.32 -4.68
C LEU C 80 -17.27 -11.77 -3.37
N LEU C 81 -16.97 -11.08 -2.26
CA LEU C 81 -17.67 -11.33 -1.00
C LEU C 81 -19.16 -11.02 -1.11
N SER C 82 -19.49 -9.88 -1.71
CA SER C 82 -20.91 -9.55 -1.94
C SER C 82 -21.60 -10.62 -2.80
N LEU C 83 -20.94 -11.08 -3.83
CA LEU C 83 -21.49 -12.14 -4.69
C LEU C 83 -21.64 -13.46 -3.92
N ALA C 84 -20.62 -13.85 -3.16
CA ALA C 84 -20.69 -15.08 -2.39
C ALA C 84 -21.80 -15.06 -1.35
N VAL C 85 -21.98 -13.91 -0.68
CA VAL C 85 -23.13 -13.73 0.22
C VAL C 85 -24.46 -13.82 -0.53
N SER C 86 -24.56 -13.15 -1.68
CA SER C 86 -25.75 -13.23 -2.52
C SER C 86 -26.07 -14.69 -2.89
N ASP C 87 -25.05 -15.44 -3.30
CA ASP C 87 -25.22 -16.81 -3.74
C ASP C 87 -25.51 -17.77 -2.60
N LEU C 88 -24.93 -17.53 -1.42
CA LEU C 88 -25.31 -18.27 -0.22
C LEU C 88 -26.78 -18.00 0.14
N MET C 89 -27.20 -16.74 0.13
CA MET C 89 -28.60 -16.41 0.40
C MET C 89 -29.55 -17.06 -0.60
N LEU C 90 -29.20 -17.00 -1.90
CA LEU C 90 -29.90 -17.74 -2.95
C LEU C 90 -29.96 -19.24 -2.70
N CYS C 91 -28.86 -19.85 -2.26
CA CYS C 91 -28.90 -21.28 -1.97
C CYS C 91 -29.81 -21.58 -0.80
N LEU C 92 -29.58 -20.91 0.32
CA LEU C 92 -30.25 -21.21 1.58
C LEU C 92 -31.75 -20.91 1.56
N PHE C 93 -32.16 -19.84 0.87
CA PHE C 93 -33.58 -19.59 0.70
C PHE C 93 -34.18 -20.39 -0.44
N CYS C 94 -33.66 -20.24 -1.67
CA CYS C 94 -34.35 -20.79 -2.82
C CYS C 94 -34.37 -22.32 -2.81
N MET C 95 -33.23 -22.99 -2.57
CA MET C 95 -33.21 -24.43 -2.81
C MET C 95 -34.15 -25.20 -1.88
N PRO C 96 -34.14 -25.00 -0.55
CA PRO C 96 -35.12 -25.74 0.26
C PRO C 96 -36.58 -25.45 -0.08
N PHE C 97 -36.93 -24.16 -0.15
CA PHE C 97 -38.34 -23.76 -0.31
C PHE C 97 -38.80 -23.81 -1.77
N ASN C 98 -38.00 -24.44 -2.64
CA ASN C 98 -38.42 -24.87 -3.97
C ASN C 98 -38.40 -26.38 -4.09
N LEU C 99 -37.30 -27.05 -3.68
CA LEU C 99 -37.27 -28.51 -3.73
C LEU C 99 -38.38 -29.11 -2.87
N ILE C 100 -38.52 -28.66 -1.62
CA ILE C 100 -39.52 -29.23 -0.73
C ILE C 100 -40.94 -29.06 -1.27
N PRO C 101 -41.40 -27.87 -1.65
CA PRO C 101 -42.75 -27.77 -2.24
C PRO C 101 -42.93 -28.55 -3.52
N ASN C 102 -41.88 -28.66 -4.34
CA ASN C 102 -42.04 -29.40 -5.58
C ASN C 102 -42.05 -30.91 -5.37
N LEU C 103 -41.33 -31.39 -4.35
CA LEU C 103 -41.45 -32.81 -3.98
C LEU C 103 -42.82 -33.10 -3.35
N LEU C 104 -43.32 -32.20 -2.50
CA LEU C 104 -44.58 -32.42 -1.80
C LEU C 104 -45.79 -31.92 -2.60
N LYS C 105 -45.59 -31.26 -3.74
CA LYS C 105 -46.65 -30.62 -4.50
C LYS C 105 -47.63 -29.86 -3.64
N ASP C 106 -47.13 -29.23 -2.57
CA ASP C 106 -47.94 -28.33 -1.76
C ASP C 106 -47.00 -27.44 -0.95
N PHE C 107 -47.37 -26.17 -0.79
CA PHE C 107 -46.58 -25.25 0.01
C PHE C 107 -46.97 -25.44 1.48
N ILE C 108 -46.21 -26.31 2.17
CA ILE C 108 -46.53 -26.66 3.56
C ILE C 108 -46.38 -25.46 4.49
N PHE C 109 -45.60 -24.46 4.10
CA PHE C 109 -45.38 -23.28 4.92
C PHE C 109 -46.51 -22.27 4.74
N GLY C 110 -46.45 -21.19 5.50
CA GLY C 110 -47.52 -20.19 5.50
C GLY C 110 -47.27 -19.06 4.50
N SER C 111 -48.30 -18.20 4.41
CA SER C 111 -48.23 -17.03 3.54
C SER C 111 -47.07 -16.10 3.90
N ALA C 112 -46.76 -15.97 5.19
CA ALA C 112 -45.58 -15.19 5.60
C ALA C 112 -44.30 -15.79 5.08
N VAL C 113 -44.16 -17.13 5.10
CA VAL C 113 -42.97 -17.79 4.58
C VAL C 113 -42.90 -17.69 3.06
N CYS C 114 -44.04 -17.81 2.39
CA CYS C 114 -44.13 -17.54 0.95
C CYS C 114 -43.62 -16.15 0.61
N LYS C 115 -44.16 -15.12 1.25
CA LYS C 115 -43.71 -13.76 0.99
C LYS C 115 -42.23 -13.58 1.31
N THR C 116 -41.79 -14.06 2.47
CA THR C 116 -40.40 -13.87 2.88
C THR C 116 -39.44 -14.59 1.94
N THR C 117 -39.69 -15.88 1.70
CA THR C 117 -38.82 -16.62 0.80
C THR C 117 -38.78 -15.94 -0.57
N THR C 118 -39.95 -15.70 -1.19
CA THR C 118 -39.96 -15.22 -2.57
C THR C 118 -39.30 -13.86 -2.70
N TYR C 119 -39.40 -13.03 -1.65
CA TYR C 119 -38.65 -11.78 -1.58
C TYR C 119 -37.15 -12.01 -1.56
N PHE C 120 -36.68 -12.92 -0.70
CA PHE C 120 -35.24 -13.15 -0.65
C PHE C 120 -34.71 -13.82 -1.90
N MET C 121 -35.52 -14.65 -2.54
CA MET C 121 -35.15 -15.21 -3.85
C MET C 121 -34.96 -14.11 -4.87
N GLY C 122 -36.02 -13.36 -5.12
CA GLY C 122 -35.92 -12.31 -6.13
C GLY C 122 -34.80 -11.33 -5.84
N THR C 123 -34.62 -10.99 -4.56
CA THR C 123 -33.53 -10.13 -4.15
C THR C 123 -32.16 -10.70 -4.46
N SER C 124 -31.90 -11.95 -4.07
CA SER C 124 -30.58 -12.52 -4.28
C SER C 124 -30.30 -12.79 -5.76
N VAL C 125 -31.34 -13.01 -6.56
CA VAL C 125 -31.15 -13.01 -8.02
C VAL C 125 -30.73 -11.63 -8.49
N SER C 126 -31.46 -10.59 -8.08
CA SER C 126 -31.19 -9.22 -8.48
C SER C 126 -29.76 -8.82 -8.11
N VAL C 127 -29.40 -8.99 -6.84
CA VAL C 127 -28.04 -8.66 -6.39
C VAL C 127 -26.99 -9.50 -7.11
N SER C 128 -27.19 -10.82 -7.21
CA SER C 128 -26.17 -11.66 -7.88
C SER C 128 -25.90 -11.23 -9.30
N THR C 129 -26.96 -10.93 -10.06
CA THR C 129 -26.82 -10.42 -11.42
C THR C 129 -26.13 -9.07 -11.46
N PHE C 130 -26.55 -8.14 -10.62
CA PHE C 130 -25.88 -6.84 -10.64
C PHE C 130 -24.43 -6.91 -10.17
N ASN C 131 -24.08 -7.84 -9.24
CA ASN C 131 -22.69 -8.07 -8.87
C ASN C 131 -21.87 -8.64 -10.03
N LEU C 132 -22.45 -9.59 -10.81
CA LEU C 132 -21.78 -10.08 -12.00
C LEU C 132 -21.53 -8.94 -12.99
N VAL C 133 -22.52 -8.05 -13.13
CA VAL C 133 -22.35 -6.85 -13.97
C VAL C 133 -21.22 -5.96 -13.45
N ALA C 134 -21.22 -5.66 -12.16
CA ALA C 134 -20.15 -4.87 -11.55
C ALA C 134 -18.76 -5.48 -11.78
N ILE C 135 -18.60 -6.79 -11.56
CA ILE C 135 -17.33 -7.44 -11.84
C ILE C 135 -16.95 -7.36 -13.32
N SER C 136 -17.92 -7.44 -14.21
CA SER C 136 -17.67 -7.22 -15.64
C SER C 136 -17.16 -5.80 -15.91
N LEU C 137 -17.75 -4.81 -15.25
CA LEU C 137 -17.34 -3.43 -15.48
C LEU C 137 -16.02 -3.07 -14.78
N GLU C 138 -15.74 -3.66 -13.61
CA GLU C 138 -14.41 -3.60 -13.02
C GLU C 138 -13.35 -4.17 -13.95
N ARG C 139 -13.55 -5.40 -14.43
CA ARG C 139 -12.59 -6.01 -15.32
C ARG C 139 -12.44 -5.22 -16.62
N TYR C 140 -13.51 -4.56 -17.07
CA TYR C 140 -13.38 -3.72 -18.26
C TYR C 140 -12.52 -2.50 -17.98
N GLY C 141 -12.75 -1.81 -16.88
CA GLY C 141 -11.87 -0.73 -16.50
C GLY C 141 -10.43 -1.19 -16.34
N ALA C 142 -10.23 -2.24 -15.55
CA ALA C 142 -8.91 -2.77 -15.24
C ALA C 142 -8.10 -3.16 -16.46
N ILE C 143 -8.71 -3.81 -17.45
CA ILE C 143 -7.97 -4.31 -18.60
C ILE C 143 -8.07 -3.41 -19.82
N CYS C 144 -9.22 -2.83 -20.10
CA CYS C 144 -9.45 -2.10 -21.35
C CYS C 144 -9.22 -0.60 -21.20
N LYS C 145 -9.32 -0.04 -19.99
CA LYS C 145 -8.90 1.34 -19.69
C LYS C 145 -8.02 1.41 -18.44
N PRO C 146 -6.86 0.73 -18.47
CA PRO C 146 -6.14 0.45 -17.23
C PRO C 146 -5.72 1.69 -16.46
N LEU C 147 -5.27 2.75 -17.15
CA LEU C 147 -4.75 3.93 -16.46
C LEU C 147 -5.87 4.79 -15.86
N GLN C 148 -6.97 4.96 -16.56
CA GLN C 148 -8.11 5.68 -16.01
C GLN C 148 -8.81 4.93 -14.88
N SER C 149 -8.64 3.61 -14.80
CA SER C 149 -9.46 2.81 -13.89
C SER C 149 -9.26 3.24 -12.44
N ARG C 150 -8.03 3.57 -12.04
CA ARG C 150 -7.71 3.83 -10.64
C ARG C 150 -8.51 5.01 -10.11
N VAL C 151 -8.88 5.95 -11.01
CA VAL C 151 -9.63 7.13 -10.59
C VAL C 151 -11.04 6.79 -10.12
N TRP C 152 -11.61 5.68 -10.58
CA TRP C 152 -13.01 5.38 -10.36
C TRP C 152 -13.27 3.98 -9.83
N GLN C 153 -12.29 3.31 -9.22
CA GLN C 153 -12.56 2.07 -8.48
C GLN C 153 -11.58 1.94 -7.31
N THR C 154 -11.86 2.74 -6.29
CA THR C 154 -11.35 2.51 -4.94
C THR C 154 -12.46 1.87 -4.08
N LYS C 155 -12.08 1.49 -2.87
CA LYS C 155 -13.00 0.82 -1.96
C LYS C 155 -14.28 1.61 -1.76
N SER C 156 -14.18 2.93 -1.73
CA SER C 156 -15.37 3.75 -1.56
C SER C 156 -16.36 3.57 -2.71
N HIS C 157 -15.89 3.55 -3.96
CA HIS C 157 -16.78 3.26 -5.09
C HIS C 157 -17.37 1.86 -5.04
N ALA C 158 -16.56 0.87 -4.65
CA ALA C 158 -17.05 -0.49 -4.47
C ALA C 158 -18.20 -0.58 -3.45
N LEU C 159 -18.02 -0.01 -2.28
CA LEU C 159 -19.08 -0.03 -1.25
C LEU C 159 -20.30 0.77 -1.65
N LYS C 160 -20.09 1.92 -2.30
CA LYS C 160 -21.22 2.71 -2.77
C LYS C 160 -22.04 1.96 -3.83
N VAL C 161 -21.37 1.31 -4.77
CA VAL C 161 -22.06 0.51 -5.80
C VAL C 161 -22.74 -0.74 -5.21
N ILE C 162 -22.07 -1.40 -4.26
CA ILE C 162 -22.72 -2.53 -3.58
C ILE C 162 -23.99 -2.10 -2.86
N ALA C 163 -23.87 -1.05 -2.02
CA ALA C 163 -25.05 -0.52 -1.32
C ALA C 163 -26.15 -0.11 -2.31
N ALA C 164 -25.77 0.56 -3.39
CA ALA C 164 -26.75 0.94 -4.41
C ALA C 164 -27.48 -0.24 -5.02
N THR C 165 -26.74 -1.28 -5.43
CA THR C 165 -27.38 -2.46 -6.01
C THR C 165 -28.24 -3.24 -5.02
N TRP C 166 -27.80 -3.33 -3.77
CA TRP C 166 -28.62 -3.98 -2.74
C TRP C 166 -29.91 -3.21 -2.47
N CYS C 167 -29.79 -1.92 -2.20
CA CYS C 167 -30.95 -1.10 -1.89
C CYS C 167 -31.92 -0.98 -3.08
N LEU C 168 -31.38 -0.85 -4.30
CA LEU C 168 -32.22 -0.85 -5.50
C LEU C 168 -32.94 -2.19 -5.64
N SER C 169 -32.22 -3.30 -5.40
CA SER C 169 -32.83 -4.61 -5.50
C SER C 169 -33.95 -4.78 -4.47
N PHE C 170 -33.72 -4.38 -3.22
CA PHE C 170 -34.78 -4.39 -2.21
C PHE C 170 -35.97 -3.51 -2.58
N THR C 171 -35.73 -2.41 -3.30
CA THR C 171 -36.85 -1.60 -3.74
C THR C 171 -37.65 -2.24 -4.87
N ILE C 172 -36.98 -2.64 -5.96
CA ILE C 172 -37.68 -3.22 -7.12
C ILE C 172 -38.23 -4.62 -6.89
N MET C 173 -37.87 -5.29 -5.80
CA MET C 173 -38.47 -6.56 -5.43
C MET C 173 -39.65 -6.42 -4.48
N THR C 174 -40.00 -5.20 -4.10
CA THR C 174 -41.13 -4.97 -3.21
C THR C 174 -42.46 -5.50 -3.73
N PRO C 175 -42.67 -5.63 -5.05
CA PRO C 175 -43.90 -6.28 -5.50
C PRO C 175 -44.07 -7.70 -5.02
N TYR C 176 -42.97 -8.44 -4.82
CA TYR C 176 -43.09 -9.83 -4.37
C TYR C 176 -43.78 -9.97 -3.03
N PRO C 177 -43.32 -9.37 -1.93
CA PRO C 177 -44.07 -9.55 -0.67
C PRO C 177 -45.47 -8.96 -0.67
N ILE C 178 -45.71 -7.89 -1.41
CA ILE C 178 -47.05 -7.30 -1.48
C ILE C 178 -48.01 -8.24 -2.21
N TYR C 179 -47.68 -8.60 -3.45
CA TYR C 179 -48.62 -9.28 -4.34
C TYR C 179 -48.43 -10.78 -4.45
N SER C 180 -47.40 -11.37 -3.82
CA SER C 180 -47.36 -12.82 -3.72
C SER C 180 -48.37 -13.28 -2.70
N ASN C 181 -49.13 -14.31 -3.06
CA ASN C 181 -50.19 -14.82 -2.21
C ASN C 181 -50.20 -16.35 -2.28
N LEU C 182 -50.62 -16.96 -1.15
CA LEU C 182 -50.53 -18.41 -0.96
C LEU C 182 -51.85 -19.03 -1.42
N VAL C 183 -52.14 -18.87 -2.70
CA VAL C 183 -53.48 -19.15 -3.25
C VAL C 183 -53.87 -20.61 -3.02
N PRO C 184 -55.00 -20.87 -2.38
CA PRO C 184 -55.37 -22.26 -2.03
C PRO C 184 -55.89 -23.10 -3.21
N PHE C 185 -55.66 -24.41 -3.09
CA PHE C 185 -56.29 -25.40 -3.95
C PHE C 185 -56.46 -26.68 -3.15
N THR C 186 -56.96 -27.71 -3.83
CA THR C 186 -57.14 -29.01 -3.19
C THR C 186 -56.83 -30.11 -4.19
N LYS C 187 -55.94 -31.02 -3.80
CA LYS C 187 -55.56 -32.14 -4.62
C LYS C 187 -56.61 -33.25 -4.55
N ASN C 188 -56.60 -34.11 -5.57
CA ASN C 188 -57.61 -35.16 -5.72
C ASN C 188 -57.70 -36.14 -4.57
N ASN C 189 -56.67 -36.20 -3.69
CA ASN C 189 -56.74 -36.95 -2.41
C ASN C 189 -57.68 -36.27 -1.38
N ASN C 190 -58.37 -35.21 -1.79
CA ASN C 190 -59.10 -34.29 -0.93
C ASN C 190 -58.22 -33.67 0.14
N GLN C 191 -56.93 -33.63 -0.10
CA GLN C 191 -56.07 -32.84 0.75
C GLN C 191 -56.30 -31.35 0.45
N THR C 192 -56.39 -30.55 1.52
CA THR C 192 -56.22 -29.12 1.36
C THR C 192 -54.75 -28.79 1.16
N ALA C 193 -54.47 -27.85 0.25
CA ALA C 193 -53.09 -27.59 -0.13
C ALA C 193 -53.00 -26.14 -0.54
N ASN C 194 -51.77 -25.66 -0.63
CA ASN C 194 -51.50 -24.29 -0.99
C ASN C 194 -50.32 -24.24 -1.93
N MET C 195 -50.29 -23.22 -2.77
CA MET C 195 -49.17 -22.97 -3.67
C MET C 195 -48.77 -21.50 -3.59
N CYS C 196 -47.47 -21.24 -3.45
CA CYS C 196 -46.99 -19.87 -3.40
C CYS C 196 -46.83 -19.34 -4.82
N ARG C 197 -47.65 -18.36 -5.19
CA ARG C 197 -47.70 -17.87 -6.56
C ARG C 197 -47.75 -16.34 -6.57
N PHE C 198 -47.10 -15.74 -7.57
CA PHE C 198 -47.07 -14.29 -7.77
C PHE C 198 -48.14 -13.88 -8.75
N LEU C 199 -49.19 -13.20 -8.27
CA LEU C 199 -50.31 -12.77 -9.14
C LEU C 199 -50.50 -11.27 -9.01
N LEU C 200 -49.70 -10.54 -9.80
CA LEU C 200 -49.90 -9.11 -9.96
C LEU C 200 -51.29 -8.86 -10.55
N PRO C 201 -52.02 -7.79 -10.13
CA PRO C 201 -53.48 -7.75 -10.30
C PRO C 201 -53.93 -7.87 -11.75
N ASN C 202 -53.50 -6.98 -12.63
CA ASN C 202 -53.83 -7.16 -14.03
C ASN C 202 -52.86 -8.14 -14.69
N ASP C 203 -53.40 -9.12 -15.42
CA ASP C 203 -52.54 -10.02 -16.18
C ASP C 203 -51.65 -9.23 -17.14
N VAL C 204 -52.17 -8.14 -17.71
CA VAL C 204 -51.37 -7.30 -18.59
C VAL C 204 -50.25 -6.60 -17.83
N MET C 205 -50.49 -6.26 -16.56
CA MET C 205 -49.40 -5.73 -15.75
C MET C 205 -48.42 -6.83 -15.36
N GLN C 206 -48.90 -8.05 -15.12
CA GLN C 206 -48.01 -9.19 -14.91
C GLN C 206 -47.10 -9.47 -16.10
N GLN C 207 -47.61 -9.26 -17.32
CA GLN C 207 -46.77 -9.38 -18.52
C GLN C 207 -45.80 -8.21 -18.63
N SER C 208 -46.24 -7.00 -18.33
CA SER C 208 -45.30 -5.87 -18.26
C SER C 208 -44.18 -6.18 -17.29
N TRP C 209 -44.52 -6.73 -16.14
CA TRP C 209 -43.55 -7.03 -15.10
C TRP C 209 -42.54 -8.05 -15.56
N HIS C 210 -42.98 -9.16 -16.12
CA HIS C 210 -41.99 -10.16 -16.53
C HIS C 210 -41.18 -9.72 -17.75
N THR C 211 -41.74 -8.90 -18.64
CA THR C 211 -40.92 -8.30 -19.68
C THR C 211 -39.88 -7.34 -19.11
N PHE C 212 -40.27 -6.56 -18.11
CA PHE C 212 -39.33 -5.65 -17.47
C PHE C 212 -38.23 -6.40 -16.77
N LEU C 213 -38.58 -7.41 -15.97
CA LEU C 213 -37.57 -8.23 -15.31
C LEU C 213 -36.68 -8.97 -16.31
N LEU C 214 -37.25 -9.52 -17.39
CA LEU C 214 -36.44 -10.16 -18.42
C LEU C 214 -35.44 -9.20 -19.01
N LEU C 215 -35.87 -7.98 -19.28
CA LEU C 215 -34.97 -6.98 -19.84
C LEU C 215 -33.91 -6.56 -18.83
N ILE C 216 -34.31 -5.91 -17.72
CA ILE C 216 -33.39 -5.28 -16.76
C ILE C 216 -32.53 -6.33 -16.05
N LEU C 217 -32.98 -7.57 -15.91
CA LEU C 217 -32.35 -8.52 -15.02
C LEU C 217 -31.88 -9.73 -15.84
N PHE C 218 -31.92 -9.65 -17.17
CA PHE C 218 -31.22 -10.66 -17.96
C PHE C 218 -30.60 -10.00 -19.20
N LEU C 219 -31.42 -9.38 -20.07
CA LEU C 219 -30.95 -9.01 -21.40
C LEU C 219 -29.93 -7.89 -21.34
N ILE C 220 -30.23 -6.84 -20.56
CA ILE C 220 -29.22 -5.79 -20.30
C ILE C 220 -28.00 -6.31 -19.57
N PRO C 221 -28.14 -7.04 -18.45
CA PRO C 221 -26.95 -7.70 -17.86
C PRO C 221 -26.18 -8.57 -18.84
N GLY C 222 -26.89 -9.33 -19.67
CA GLY C 222 -26.24 -10.14 -20.66
C GLY C 222 -25.53 -9.34 -21.74
N ILE C 223 -26.17 -8.30 -22.25
CA ILE C 223 -25.48 -7.39 -23.19
C ILE C 223 -24.23 -6.76 -22.60
N VAL C 224 -24.35 -6.24 -21.38
CA VAL C 224 -23.22 -5.60 -20.70
C VAL C 224 -22.07 -6.58 -20.45
N MET C 225 -22.36 -7.78 -20.01
CA MET C 225 -21.28 -8.78 -19.86
C MET C 225 -20.67 -9.18 -21.21
N MET C 226 -21.49 -9.33 -22.25
CA MET C 226 -20.95 -9.60 -23.58
C MET C 226 -20.04 -8.46 -24.05
N VAL C 227 -20.48 -7.21 -23.85
CA VAL C 227 -19.66 -6.04 -24.24
C VAL C 227 -18.36 -5.99 -23.47
N ALA C 228 -18.44 -6.08 -22.14
CA ALA C 228 -17.28 -6.04 -21.29
C ALA C 228 -16.28 -7.16 -21.57
N TYR C 229 -16.70 -8.41 -21.41
CA TYR C 229 -15.79 -9.53 -21.62
C TYR C 229 -15.38 -9.72 -23.09
N GLY C 230 -16.19 -9.26 -24.04
CA GLY C 230 -15.77 -9.30 -25.42
C GLY C 230 -14.70 -8.27 -25.74
N LEU C 231 -14.87 -7.05 -25.24
CA LEU C 231 -13.79 -6.06 -25.41
C LEU C 231 -12.52 -6.47 -24.67
N ILE C 232 -12.65 -7.05 -23.46
CA ILE C 232 -11.47 -7.57 -22.78
C ILE C 232 -10.80 -8.68 -23.60
N SER C 233 -11.60 -9.56 -24.19
CA SER C 233 -11.05 -10.63 -25.02
C SER C 233 -10.39 -10.10 -26.29
N LEU C 234 -10.98 -9.10 -26.93
CA LEU C 234 -10.34 -8.42 -28.07
C LEU C 234 -9.02 -7.77 -27.67
N GLU C 235 -9.01 -7.07 -26.54
CA GLU C 235 -7.78 -6.47 -26.04
C GLU C 235 -6.70 -7.52 -25.82
N LEU C 236 -7.03 -8.59 -25.12
CA LEU C 236 -6.05 -9.63 -24.84
C LEU C 236 -5.59 -10.35 -26.11
N TYR C 237 -6.49 -10.68 -27.03
CA TYR C 237 -6.05 -11.37 -28.25
C TYR C 237 -5.26 -10.44 -29.17
N GLN C 238 -5.58 -9.15 -29.20
CA GLN C 238 -4.77 -8.20 -29.91
C GLN C 238 -3.37 -8.11 -29.33
N GLY C 239 -3.27 -8.19 -27.99
CA GLY C 239 -1.96 -8.32 -27.35
C GLY C 239 -1.21 -9.57 -27.77
N ILE C 240 -1.92 -10.71 -27.77
CA ILE C 240 -1.27 -11.97 -28.19
C ILE C 240 -0.77 -11.88 -29.62
N LYS C 241 -1.65 -11.48 -30.56
CA LYS C 241 -1.24 -11.38 -31.97
C LYS C 241 -0.11 -10.37 -32.21
N PHE C 242 -0.13 -9.27 -31.48
CA PHE C 242 0.98 -8.31 -31.54
C PHE C 242 2.29 -8.87 -31.00
N GLU C 243 2.24 -9.67 -29.93
CA GLU C 243 3.46 -10.36 -29.47
C GLU C 243 3.93 -11.44 -30.44
N ALA C 244 3.00 -12.16 -31.05
CA ALA C 244 3.37 -13.12 -32.10
C ALA C 244 3.93 -12.45 -33.33
N SER C 245 3.56 -11.19 -33.58
CA SER C 245 4.24 -10.40 -34.59
C SER C 245 5.60 -9.91 -34.10
N GLN C 246 5.65 -9.37 -32.89
CA GLN C 246 6.92 -8.97 -32.32
C GLN C 246 7.81 -10.19 -32.04
N SER C 301 6.10 -13.09 -22.72
CA SER C 301 6.52 -14.44 -22.38
C SER C 301 5.43 -15.48 -22.72
N ALA C 302 5.89 -16.68 -23.08
CA ALA C 302 4.97 -17.76 -23.43
C ALA C 302 4.06 -18.11 -22.25
N ALA C 303 4.61 -18.08 -21.04
CA ALA C 303 3.80 -18.28 -19.84
C ALA C 303 2.76 -17.18 -19.67
N ASN C 304 3.10 -15.95 -20.08
CA ASN C 304 2.12 -14.87 -20.05
C ASN C 304 1.04 -15.01 -21.12
N LEU C 305 1.42 -15.53 -22.29
CA LEU C 305 0.43 -15.85 -23.32
C LEU C 305 -0.52 -16.97 -22.89
N MET C 306 -0.01 -17.98 -22.21
CA MET C 306 -0.86 -19.03 -21.63
C MET C 306 -1.78 -18.50 -20.54
N ALA C 307 -1.22 -17.69 -19.63
CA ALA C 307 -2.03 -17.01 -18.62
C ALA C 307 -3.16 -16.18 -19.23
N LYS C 308 -2.88 -15.47 -20.34
CA LYS C 308 -3.93 -14.71 -21.03
C LYS C 308 -4.93 -15.60 -21.76
N LYS C 309 -4.51 -16.67 -22.43
CA LYS C 309 -5.50 -17.54 -23.05
C LYS C 309 -6.36 -18.26 -22.01
N ARG C 310 -5.76 -18.46 -20.82
CA ARG C 310 -6.48 -19.11 -19.70
C ARG C 310 -7.52 -18.13 -19.19
N VAL C 311 -7.18 -16.86 -19.12
CA VAL C 311 -8.12 -15.81 -18.71
C VAL C 311 -9.24 -15.64 -19.73
N ILE C 312 -8.89 -15.61 -21.02
CA ILE C 312 -9.92 -15.50 -22.04
C ILE C 312 -10.90 -16.68 -21.97
N ARG C 313 -10.35 -17.90 -21.85
CA ARG C 313 -11.18 -19.08 -21.65
C ARG C 313 -12.10 -18.94 -20.47
N MET C 314 -11.55 -18.55 -19.30
CA MET C 314 -12.36 -18.43 -18.08
C MET C 314 -13.45 -17.36 -18.20
N LEU C 315 -13.17 -16.30 -18.95
CA LEU C 315 -14.16 -15.25 -19.20
C LEU C 315 -15.30 -15.74 -20.10
N ILE C 316 -14.94 -16.48 -21.15
CA ILE C 316 -15.94 -17.07 -22.03
C ILE C 316 -16.76 -18.11 -21.28
N VAL C 317 -16.13 -18.92 -20.46
CA VAL C 317 -16.86 -19.83 -19.58
C VAL C 317 -17.81 -19.07 -18.65
N ILE C 318 -17.43 -17.87 -18.21
CA ILE C 318 -18.36 -17.07 -17.41
C ILE C 318 -19.57 -16.65 -18.22
N VAL C 319 -19.34 -16.12 -19.41
CA VAL C 319 -20.48 -15.67 -20.23
C VAL C 319 -21.39 -16.83 -20.60
N VAL C 320 -20.79 -17.91 -21.12
CA VAL C 320 -21.59 -19.06 -21.55
C VAL C 320 -22.35 -19.68 -20.38
N LEU C 321 -21.69 -19.89 -19.24
CA LEU C 321 -22.44 -20.43 -18.09
C LEU C 321 -23.45 -19.47 -17.47
N PHE C 322 -23.28 -18.17 -17.62
CA PHE C 322 -24.33 -17.24 -17.22
C PHE C 322 -25.56 -17.40 -18.11
N PHE C 323 -25.36 -17.43 -19.43
CA PHE C 323 -26.50 -17.67 -20.32
C PHE C 323 -27.14 -19.04 -20.11
N LEU C 324 -26.36 -20.09 -19.95
CA LEU C 324 -26.93 -21.41 -19.69
C LEU C 324 -27.66 -21.47 -18.35
N CYS C 325 -27.17 -20.77 -17.33
CA CYS C 325 -27.87 -20.73 -16.05
C CYS C 325 -29.20 -19.97 -16.15
N TRP C 326 -29.20 -18.78 -16.78
CA TRP C 326 -30.34 -17.90 -16.59
C TRP C 326 -31.30 -17.80 -17.77
N MET C 327 -30.88 -18.03 -19.00
CA MET C 327 -31.84 -17.99 -20.10
C MET C 327 -32.98 -19.00 -19.96
N PRO C 328 -32.77 -20.25 -19.46
CA PRO C 328 -33.93 -21.14 -19.21
C PRO C 328 -34.98 -20.63 -18.25
N ILE C 329 -34.57 -20.14 -17.07
CA ILE C 329 -35.54 -19.64 -16.10
C ILE C 329 -36.29 -18.44 -16.62
N PHE C 330 -35.58 -17.47 -17.18
CA PHE C 330 -36.24 -16.25 -17.61
C PHE C 330 -37.09 -16.46 -18.84
N SER C 331 -36.71 -17.38 -19.74
CA SER C 331 -37.59 -17.75 -20.85
C SER C 331 -38.82 -18.48 -20.34
N ALA C 332 -38.65 -19.37 -19.38
CA ALA C 332 -39.78 -20.04 -18.77
C ALA C 332 -40.74 -19.05 -18.13
N ASN C 333 -40.22 -18.05 -17.41
CA ASN C 333 -41.06 -17.05 -16.80
C ASN C 333 -41.73 -16.15 -17.84
N ALA C 334 -41.03 -15.82 -18.92
CA ALA C 334 -41.67 -15.03 -19.97
C ALA C 334 -42.79 -15.81 -20.67
N TRP C 335 -42.55 -17.10 -20.93
CA TRP C 335 -43.60 -17.96 -21.48
C TRP C 335 -44.78 -18.03 -20.53
N ARG C 336 -44.52 -18.26 -19.23
CA ARG C 336 -45.58 -18.29 -18.22
C ARG C 336 -46.30 -16.96 -18.13
N ALA C 337 -45.63 -15.86 -18.47
CA ALA C 337 -46.29 -14.57 -18.47
C ALA C 337 -47.22 -14.45 -19.66
N TYR C 338 -46.75 -14.78 -20.87
CA TYR C 338 -47.52 -14.56 -22.10
C TYR C 338 -48.49 -15.68 -22.45
N ASP C 339 -48.03 -16.93 -22.40
CA ASP C 339 -48.92 -18.05 -22.74
C ASP C 339 -49.03 -18.98 -21.54
N THR C 340 -49.55 -18.43 -20.45
CA THR C 340 -49.40 -19.00 -19.11
C THR C 340 -49.72 -20.49 -19.08
N ALA C 341 -50.93 -20.86 -19.46
CA ALA C 341 -51.34 -22.25 -19.34
C ALA C 341 -50.49 -23.19 -20.20
N SER C 342 -50.04 -22.72 -21.36
CA SER C 342 -49.22 -23.58 -22.21
C SER C 342 -47.85 -23.83 -21.57
N ALA C 343 -47.29 -22.80 -20.91
CA ALA C 343 -46.03 -22.98 -20.20
C ALA C 343 -46.20 -23.88 -18.98
N GLU C 344 -47.23 -23.61 -18.17
CA GLU C 344 -47.44 -24.39 -16.96
C GLU C 344 -47.70 -25.87 -17.28
N ARG C 345 -48.51 -26.13 -18.29
CA ARG C 345 -48.80 -27.50 -18.71
C ARG C 345 -47.54 -28.31 -19.04
N ARG C 346 -46.51 -27.65 -19.60
CA ARG C 346 -45.29 -28.38 -19.98
C ARG C 346 -44.15 -28.35 -18.98
N LEU C 347 -43.96 -27.23 -18.25
CA LEU C 347 -42.80 -27.06 -17.40
C LEU C 347 -43.04 -27.36 -15.94
N SER C 348 -44.28 -27.51 -15.51
CA SER C 348 -44.56 -27.82 -14.11
C SER C 348 -43.87 -29.09 -13.66
N GLY C 349 -43.43 -29.09 -12.42
CA GLY C 349 -42.77 -30.26 -11.84
C GLY C 349 -41.33 -30.38 -12.25
N THR C 350 -40.97 -31.53 -12.80
CA THR C 350 -39.58 -31.86 -13.12
C THR C 350 -38.87 -30.84 -14.02
N PRO C 351 -39.48 -30.36 -15.12
CA PRO C 351 -38.73 -29.43 -15.96
C PRO C 351 -38.34 -28.14 -15.24
N ILE C 352 -39.29 -27.47 -14.59
CA ILE C 352 -38.95 -26.23 -13.92
C ILE C 352 -38.02 -26.53 -12.74
N SER C 353 -38.20 -27.66 -12.09
CA SER C 353 -37.29 -28.02 -11.00
C SER C 353 -35.85 -28.08 -11.46
N PHE C 354 -35.59 -28.66 -12.65
CA PHE C 354 -34.19 -28.64 -13.12
C PHE C 354 -33.78 -27.29 -13.71
N ILE C 355 -34.71 -26.56 -14.35
CA ILE C 355 -34.40 -25.20 -14.77
C ILE C 355 -33.96 -24.34 -13.58
N LEU C 356 -34.65 -24.43 -12.46
CA LEU C 356 -34.23 -23.72 -11.27
C LEU C 356 -32.97 -24.31 -10.67
N LEU C 357 -32.77 -25.62 -10.82
CA LEU C 357 -31.53 -26.22 -10.35
C LEU C 357 -30.34 -25.66 -11.12
N LEU C 358 -30.49 -25.43 -12.42
CA LEU C 358 -29.50 -24.67 -13.17
C LEU C 358 -29.32 -23.25 -12.65
N SER C 359 -30.44 -22.56 -12.41
CA SER C 359 -30.36 -21.20 -11.89
C SER C 359 -29.62 -21.15 -10.56
N TYR C 360 -29.75 -22.18 -9.73
CA TYR C 360 -29.00 -22.17 -8.49
C TYR C 360 -27.61 -22.74 -8.64
N THR C 361 -27.41 -23.57 -9.67
CA THR C 361 -26.06 -24.02 -10.00
C THR C 361 -25.16 -22.83 -10.30
N SER C 362 -25.72 -21.77 -10.87
CA SER C 362 -24.99 -20.51 -10.95
C SER C 362 -24.33 -20.14 -9.62
N SER C 363 -25.04 -20.30 -8.52
CA SER C 363 -24.51 -19.98 -7.18
C SER C 363 -23.35 -20.86 -6.72
N CYS C 364 -23.18 -22.06 -7.29
CA CYS C 364 -21.99 -22.87 -7.09
C CYS C 364 -20.89 -22.55 -8.10
N VAL C 365 -21.27 -22.41 -9.36
CA VAL C 365 -20.32 -22.08 -10.40
C VAL C 365 -19.61 -20.75 -10.12
N ASN C 366 -20.33 -19.72 -9.74
CA ASN C 366 -19.75 -18.40 -9.54
C ASN C 366 -18.62 -18.38 -8.51
N PRO C 367 -18.81 -18.85 -7.29
CA PRO C 367 -17.66 -18.90 -6.37
C PRO C 367 -16.50 -19.80 -6.80
N ILE C 368 -16.72 -20.82 -7.62
CA ILE C 368 -15.60 -21.59 -8.16
C ILE C 368 -14.76 -20.72 -9.08
N ILE C 369 -15.38 -20.17 -10.10
CA ILE C 369 -14.69 -19.42 -11.15
C ILE C 369 -14.05 -18.14 -10.56
N TYR C 370 -14.77 -17.44 -9.73
CA TYR C 370 -14.29 -16.15 -9.22
C TYR C 370 -13.40 -16.30 -7.99
N CYS C 371 -13.38 -17.46 -7.32
CA CYS C 371 -12.58 -17.62 -6.11
C CYS C 371 -11.62 -18.80 -6.22
N PHE C 372 -12.15 -20.03 -6.31
CA PHE C 372 -11.30 -21.22 -6.24
C PHE C 372 -10.40 -21.39 -7.46
N MET C 373 -10.73 -20.76 -8.59
CA MET C 373 -9.77 -20.74 -9.70
C MET C 373 -8.71 -19.65 -9.61
N ASN C 374 -8.97 -18.59 -8.85
CA ASN C 374 -7.99 -17.53 -8.68
C ASN C 374 -6.80 -17.99 -7.83
N LYS C 375 -5.60 -17.64 -8.28
CA LYS C 375 -4.39 -17.88 -7.47
C LYS C 375 -4.43 -17.08 -6.17
N ARG C 376 -4.71 -15.78 -6.24
CA ARG C 376 -4.66 -14.92 -5.06
C ARG C 376 -5.83 -15.14 -4.08
N PHE C 377 -6.65 -16.16 -4.31
CA PHE C 377 -7.60 -16.64 -3.34
C PHE C 377 -7.23 -17.99 -2.79
N ARG C 378 -6.79 -18.91 -3.66
CA ARG C 378 -6.21 -20.17 -3.18
C ARG C 378 -5.08 -19.93 -2.18
N LEU C 379 -4.22 -18.95 -2.44
CA LEU C 379 -3.17 -18.59 -1.50
C LEU C 379 -3.67 -17.95 -0.21
N GLY C 380 -4.96 -17.60 -0.11
CA GLY C 380 -5.53 -17.29 1.20
C GLY C 380 -6.29 -18.43 1.85
N PHE C 381 -6.92 -19.28 1.06
CA PHE C 381 -7.63 -20.42 1.65
C PHE C 381 -6.70 -21.32 2.44
N MET C 382 -5.54 -21.66 1.85
CA MET C 382 -4.53 -22.42 2.58
C MET C 382 -3.90 -21.66 3.72
N ALA C 383 -4.07 -20.33 3.80
CA ALA C 383 -3.55 -19.53 4.91
C ALA C 383 -4.54 -19.36 6.06
N THR C 384 -5.84 -19.39 5.75
CA THR C 384 -6.89 -19.24 6.74
C THR C 384 -7.11 -20.56 7.49
N PHE C 385 -8.06 -20.54 8.42
CA PHE C 385 -8.48 -21.74 9.12
C PHE C 385 -9.09 -22.74 8.15
N GLN D 11 40.57 20.44 7.80
CA GLN D 11 41.40 19.43 7.15
C GLN D 11 41.21 18.07 7.85
N ALA D 12 41.61 16.99 7.18
CA ALA D 12 41.31 15.64 7.64
C ALA D 12 41.81 15.39 9.07
N ARG D 13 42.86 16.13 9.49
CA ARG D 13 43.34 16.10 10.89
C ARG D 13 42.22 16.41 11.89
N LYS D 14 41.21 17.19 11.48
CA LYS D 14 40.10 17.52 12.34
C LYS D 14 39.31 16.28 12.75
N LEU D 15 39.47 15.18 12.01
CA LEU D 15 39.00 13.88 12.49
C LEU D 15 39.74 13.43 13.73
N VAL D 16 41.08 13.47 13.69
CA VAL D 16 41.88 13.14 14.88
C VAL D 16 41.58 14.11 16.01
N GLU D 17 41.41 15.38 15.68
CA GLU D 17 41.04 16.37 16.69
C GLU D 17 39.72 16.02 17.39
N GLN D 18 38.72 15.59 16.62
CA GLN D 18 37.44 15.14 17.16
C GLN D 18 37.60 13.87 17.96
N LEU D 19 38.40 12.92 17.48
CA LEU D 19 38.48 11.64 18.18
C LEU D 19 39.19 11.77 19.50
N LYS D 20 40.28 12.54 19.54
CA LYS D 20 40.96 12.86 20.79
C LYS D 20 40.11 13.74 21.72
N MET D 21 39.27 14.62 21.16
CA MET D 21 38.29 15.35 21.99
C MET D 21 37.25 14.42 22.61
N GLU D 22 36.81 13.42 21.86
CA GLU D 22 35.93 12.38 22.41
C GLU D 22 36.63 11.50 23.45
N ALA D 23 37.91 11.21 23.26
CA ALA D 23 38.67 10.57 24.31
C ALA D 23 38.67 11.38 25.61
N ASN D 24 38.68 12.71 25.52
CA ASN D 24 38.69 13.57 26.67
C ASN D 24 37.33 13.82 27.31
N ILE D 25 36.24 13.34 26.72
CA ILE D 25 34.94 13.57 27.32
C ILE D 25 34.83 12.85 28.65
N ASP D 26 34.01 13.42 29.54
CA ASP D 26 33.76 12.82 30.84
C ASP D 26 33.02 11.52 30.68
N ARG D 27 33.38 10.52 31.50
CA ARG D 27 32.78 9.19 31.43
C ARG D 27 32.37 8.75 32.83
N ILE D 28 31.25 8.04 32.90
CA ILE D 28 30.66 7.59 34.16
C ILE D 28 30.47 6.08 34.05
N LYS D 29 30.56 5.39 35.18
CA LYS D 29 30.41 3.93 35.16
C LYS D 29 29.03 3.50 34.72
N VAL D 30 28.98 2.37 34.00
CA VAL D 30 27.74 1.79 33.50
C VAL D 30 26.78 1.43 34.64
N SER D 31 27.33 1.07 35.79
CA SER D 31 26.51 0.80 36.96
C SER D 31 25.72 2.03 37.41
N LYS D 32 26.34 3.21 37.41
CA LYS D 32 25.62 4.43 37.78
C LYS D 32 24.64 4.91 36.71
N ALA D 33 24.98 4.78 35.42
CA ALA D 33 24.02 5.07 34.38
C ALA D 33 22.80 4.17 34.45
N ALA D 34 23.03 2.88 34.69
CA ALA D 34 21.96 1.94 35.02
C ALA D 34 21.15 2.40 36.21
N ALA D 35 21.80 2.82 37.30
CA ALA D 35 21.06 3.31 38.47
C ALA D 35 20.25 4.56 38.14
N ASP D 36 20.81 5.44 37.31
CA ASP D 36 20.09 6.61 36.82
C ASP D 36 18.82 6.24 36.05
N LEU D 37 18.94 5.35 35.06
CA LEU D 37 17.77 4.94 34.27
C LEU D 37 16.73 4.20 35.12
N MET D 38 17.20 3.28 35.99
CA MET D 38 16.32 2.50 36.85
C MET D 38 15.57 3.36 37.83
N ALA D 39 16.24 4.34 38.42
CA ALA D 39 15.60 5.30 39.31
C ALA D 39 14.62 6.19 38.57
N TYR D 40 14.95 6.60 37.36
CA TYR D 40 13.99 7.40 36.59
C TYR D 40 12.74 6.60 36.26
N CYS D 41 12.92 5.34 35.86
CA CYS D 41 11.81 4.44 35.65
C CYS D 41 10.94 4.31 36.90
N GLU D 42 11.56 4.08 38.07
CA GLU D 42 10.77 3.99 39.30
C GLU D 42 10.07 5.30 39.62
N ALA D 43 10.80 6.42 39.61
CA ALA D 43 10.24 7.69 39.95
C ALA D 43 9.13 8.10 38.99
N HIS D 44 9.05 7.49 37.80
CA HIS D 44 7.99 7.90 36.88
C HIS D 44 7.03 6.79 36.45
N ALA D 45 7.11 5.59 37.05
CA ALA D 45 6.15 4.55 36.69
C ALA D 45 4.72 4.97 36.95
N LYS D 46 4.50 5.77 38.01
CA LYS D 46 3.18 6.32 38.30
C LYS D 46 2.63 7.13 37.13
N GLU D 47 3.46 7.96 36.51
CA GLU D 47 3.02 9.00 35.58
C GLU D 47 3.00 8.54 34.12
N ASP D 48 2.91 7.24 33.87
CA ASP D 48 3.13 6.68 32.54
C ASP D 48 1.93 5.82 32.14
N PRO D 49 0.89 6.43 31.55
CA PRO D 49 -0.35 5.72 31.26
C PRO D 49 -0.17 4.42 30.47
N LEU D 50 0.91 4.32 29.67
CA LEU D 50 1.13 3.12 28.85
C LEU D 50 1.71 2.01 29.70
N LEU D 51 2.49 2.33 30.73
CA LEU D 51 3.02 1.33 31.63
C LEU D 51 1.89 0.70 32.44
N THR D 52 0.89 1.50 32.82
CA THR D 52 -0.29 0.99 33.51
C THR D 52 -1.51 1.87 33.23
N PRO D 53 -2.59 1.30 32.66
CA PRO D 53 -3.64 2.15 32.07
C PRO D 53 -4.29 3.10 33.08
N VAL D 54 -4.56 4.30 32.60
CA VAL D 54 -5.53 5.18 33.24
C VAL D 54 -6.91 4.87 32.68
N PRO D 55 -7.96 4.80 33.52
CA PRO D 55 -9.27 4.31 33.06
C PRO D 55 -9.99 5.32 32.18
N ALA D 56 -11.10 4.84 31.59
CA ALA D 56 -11.93 5.64 30.70
C ALA D 56 -12.48 6.91 31.37
N SER D 57 -12.51 6.93 32.71
CA SER D 57 -12.83 8.17 33.41
C SER D 57 -11.81 9.27 33.19
N GLU D 58 -10.60 8.92 32.76
CA GLU D 58 -9.54 9.91 32.56
C GLU D 58 -8.76 9.78 31.27
N ASN D 59 -8.77 8.63 30.61
CA ASN D 59 -8.21 8.52 29.27
C ASN D 59 -9.08 9.36 28.33
N PRO D 60 -8.55 10.45 27.74
CA PRO D 60 -9.38 11.25 26.82
C PRO D 60 -9.66 10.57 25.48
N PHE D 61 -9.00 9.44 25.20
CA PHE D 61 -9.16 8.67 23.97
C PHE D 61 -10.25 7.60 24.09
N ARG D 62 -10.26 6.84 25.20
CA ARG D 62 -11.32 5.88 25.43
C ARG D 62 -12.67 6.58 25.50
N GLU D 63 -12.75 7.68 26.27
CA GLU D 63 -14.00 8.39 26.45
C GLU D 63 -14.42 9.09 25.17
N ASP E 1 -52.65 -31.88 -9.24
CA ASP E 1 -52.65 -30.59 -9.86
C ASP E 1 -51.29 -29.95 -9.70
N TYS E 2 -51.26 -28.89 -8.92
CA TYS E 2 -50.04 -28.15 -8.65
CB TYS E 2 -49.08 -29.06 -7.89
CG TYS E 2 -47.99 -28.22 -7.22
CD1 TYS E 2 -46.68 -28.27 -7.65
CD2 TYS E 2 -48.31 -27.45 -6.15
CE1 TYS E 2 -45.70 -27.49 -7.01
CE2 TYS E 2 -47.36 -26.66 -5.49
CZ TYS E 2 -46.02 -26.64 -5.94
OH TYS E 2 -45.07 -25.84 -5.33
S TYS E 2 -45.05 -24.27 -5.32
O1 TYS E 2 -46.40 -23.78 -5.38
O2 TYS E 2 -44.37 -23.76 -4.19
O3 TYS E 2 -44.20 -23.69 -6.57
C TYS E 2 -49.41 -27.62 -9.89
O TYS E 2 -48.27 -28.01 -10.22
N MET E 3 -50.12 -26.79 -10.64
CA MET E 3 -49.48 -26.25 -11.83
C MET E 3 -48.91 -24.89 -11.53
N GLY E 4 -47.61 -24.73 -11.68
CA GLY E 4 -47.02 -23.42 -11.44
C GLY E 4 -45.62 -23.56 -10.87
N TRP E 5 -44.98 -22.39 -10.73
CA TRP E 5 -43.66 -22.30 -10.10
C TRP E 5 -43.43 -20.86 -9.63
N MET E 6 -42.74 -20.73 -8.49
CA MET E 6 -42.33 -19.41 -8.02
C MET E 6 -41.42 -18.78 -9.05
N ASP E 7 -41.51 -17.45 -9.18
CA ASP E 7 -40.90 -16.78 -10.34
C ASP E 7 -39.41 -17.11 -10.44
N PHE E 8 -38.73 -17.20 -9.31
CA PHE E 8 -37.32 -17.50 -9.32
C PHE E 8 -36.99 -18.74 -8.48
N PHE E 9 -38.00 -19.57 -8.24
#